data_3K1V
# 
_entry.id   3K1V 
# 
_audit_conform.dict_name       mmcif_pdbx.dic 
_audit_conform.dict_version    5.387 
_audit_conform.dict_location   http://mmcif.pdb.org/dictionaries/ascii/mmcif_pdbx.dic 
# 
loop_
_database_2.database_id 
_database_2.database_code 
_database_2.pdbx_database_accession 
_database_2.pdbx_DOI 
PDB   3K1V         pdb_00003k1v 10.2210/pdb3k1v/pdb 
NDB   NA0185       ?            ?                   
RCSB  RCSB055440   ?            ?                   
WWPDB D_1000055440 ?            ?                   
# 
loop_
_pdbx_audit_revision_history.ordinal 
_pdbx_audit_revision_history.data_content_type 
_pdbx_audit_revision_history.major_revision 
_pdbx_audit_revision_history.minor_revision 
_pdbx_audit_revision_history.revision_date 
1 'Structure model' 1 0 2009-10-06 
2 'Structure model' 1 1 2011-07-13 
3 'Structure model' 1 2 2024-02-21 
# 
_pdbx_audit_revision_details.ordinal             1 
_pdbx_audit_revision_details.revision_ordinal    1 
_pdbx_audit_revision_details.data_content_type   'Structure model' 
_pdbx_audit_revision_details.provider            repository 
_pdbx_audit_revision_details.type                'Initial release' 
_pdbx_audit_revision_details.description         ? 
_pdbx_audit_revision_details.details             ? 
# 
loop_
_pdbx_audit_revision_group.ordinal 
_pdbx_audit_revision_group.revision_ordinal 
_pdbx_audit_revision_group.data_content_type 
_pdbx_audit_revision_group.group 
1 2 'Structure model' 'Version format compliance' 
2 3 'Structure model' 'Data collection'           
3 3 'Structure model' 'Database references'       
4 3 'Structure model' 'Derived calculations'      
# 
loop_
_pdbx_audit_revision_category.ordinal 
_pdbx_audit_revision_category.revision_ordinal 
_pdbx_audit_revision_category.data_content_type 
_pdbx_audit_revision_category.category 
1 3 'Structure model' chem_comp_atom         
2 3 'Structure model' chem_comp_bond         
3 3 'Structure model' database_2             
4 3 'Structure model' pdbx_struct_conn_angle 
5 3 'Structure model' struct_conn            
6 3 'Structure model' struct_site            
# 
loop_
_pdbx_audit_revision_item.ordinal 
_pdbx_audit_revision_item.revision_ordinal 
_pdbx_audit_revision_item.data_content_type 
_pdbx_audit_revision_item.item 
1  3 'Structure model' '_database_2.pdbx_DOI'                      
2  3 'Structure model' '_database_2.pdbx_database_accession'       
3  3 'Structure model' '_pdbx_struct_conn_angle.ptnr1_auth_seq_id' 
4  3 'Structure model' '_pdbx_struct_conn_angle.ptnr3_auth_seq_id' 
5  3 'Structure model' '_pdbx_struct_conn_angle.value'             
6  3 'Structure model' '_struct_conn.pdbx_dist_value'              
7  3 'Structure model' '_struct_conn.ptnr1_auth_comp_id'           
8  3 'Structure model' '_struct_conn.ptnr1_auth_seq_id'            
9  3 'Structure model' '_struct_conn.ptnr1_label_asym_id'          
10 3 'Structure model' '_struct_conn.ptnr1_label_atom_id'          
11 3 'Structure model' '_struct_conn.ptnr1_label_comp_id'          
12 3 'Structure model' '_struct_conn.ptnr2_auth_comp_id'           
13 3 'Structure model' '_struct_conn.ptnr2_auth_seq_id'            
14 3 'Structure model' '_struct_conn.ptnr2_label_asym_id'          
15 3 'Structure model' '_struct_conn.ptnr2_label_atom_id'          
16 3 'Structure model' '_struct_conn.ptnr2_label_comp_id'          
17 3 'Structure model' '_struct_site.pdbx_auth_asym_id'            
18 3 'Structure model' '_struct_site.pdbx_auth_comp_id'            
19 3 'Structure model' '_struct_site.pdbx_auth_seq_id'             
# 
_pdbx_database_PDB_obs_spr.id               SPRSDE 
_pdbx_database_PDB_obs_spr.date             2009-10-06 
_pdbx_database_PDB_obs_spr.pdb_id           3K1V 
_pdbx_database_PDB_obs_spr.replace_pdb_id   3FU4 
_pdbx_database_PDB_obs_spr.details          ? 
# 
_pdbx_database_status.status_code                     REL 
_pdbx_database_status.entry_id                        3K1V 
_pdbx_database_status.recvd_initial_deposition_date   2009-09-28 
_pdbx_database_status.deposit_site                    RCSB 
_pdbx_database_status.process_site                    RCSB 
_pdbx_database_status.status_code_sf                  REL 
_pdbx_database_status.status_code_mr                  ? 
_pdbx_database_status.SG_entry                        ? 
_pdbx_database_status.pdb_format_compatible           Y 
_pdbx_database_status.status_code_cs                  ? 
_pdbx_database_status.status_code_nmr_data            ? 
_pdbx_database_status.methods_development_category    ? 
# 
loop_
_audit_author.name 
_audit_author.pdbx_ordinal 
'Klein, D.J.'         1 
'Edwards, T.E.'       2 
;Ferre-D'Amare, A.R.
;
3 
# 
_citation.id                        primary 
_citation.title                     
'Cocrystal Structure of a Class I Preq1 Riboswitch Reveals a Pseudoknot Recognizing an Essential Hypermodified Nucleobase' 
_citation.journal_abbrev            Nat.Struct.Mol.Biol. 
_citation.journal_volume            16 
_citation.page_first                343 
_citation.page_last                 ? 
_citation.year                      2009 
_citation.journal_id_ASTM           ? 
_citation.country                   US 
_citation.journal_id_ISSN           1545-9993 
_citation.journal_id_CSD            ? 
_citation.book_publisher            ? 
_citation.pdbx_database_id_PubMed   19234468 
_citation.pdbx_database_id_DOI      10.1038/NSMB.1563 
# 
loop_
_citation_author.citation_id 
_citation_author.name 
_citation_author.ordinal 
_citation_author.identifier_ORCID 
primary 'Klein, D.J.'         1 ? 
primary 'Edwards, T.E.'       2 ? 
primary 
;Ferre-D'Amare, A.R.
;
3 ? 
# 
loop_
_entity.id 
_entity.type 
_entity.src_method 
_entity.pdbx_description 
_entity.formula_weight 
_entity.pdbx_number_of_molecules 
_entity.pdbx_ec 
_entity.pdbx_mutation 
_entity.pdbx_fragment 
_entity.details 
1 polymer     syn 'PreQ1 riboswitch'            10835.524 1  ? ? ? ? 
2 non-polymer syn 7-DEAZA-7-AMINOMETHYL-GUANINE 179.179   1  ? ? ? ? 
3 non-polymer syn 'CALCIUM ION'                 40.078    4  ? ? ? ? 
4 water       nat water                         18.015    62 ? ? ? ? 
# 
_entity_poly.entity_id                      1 
_entity_poly.type                           polyribonucleotide 
_entity_poly.nstd_linkage                   no 
_entity_poly.nstd_monomer                   no 
_entity_poly.pdbx_seq_one_letter_code       AGAGGUUCUAGCACAUCCCUCUAUAAAAAACUAA 
_entity_poly.pdbx_seq_one_letter_code_can   AGAGGUUCUAGCACAUCCCUCUAUAAAAAACUAA 
_entity_poly.pdbx_strand_id                 A 
_entity_poly.pdbx_target_identifier         ? 
# 
loop_
_pdbx_entity_nonpoly.entity_id 
_pdbx_entity_nonpoly.name 
_pdbx_entity_nonpoly.comp_id 
2 7-DEAZA-7-AMINOMETHYL-GUANINE PRF 
3 'CALCIUM ION'                 CA  
4 water                         HOH 
# 
loop_
_entity_poly_seq.entity_id 
_entity_poly_seq.num 
_entity_poly_seq.mon_id 
_entity_poly_seq.hetero 
1 1  A n 
1 2  G n 
1 3  A n 
1 4  G n 
1 5  G n 
1 6  U n 
1 7  U n 
1 8  C n 
1 9  U n 
1 10 A n 
1 11 G n 
1 12 C n 
1 13 A n 
1 14 C n 
1 15 A n 
1 16 U n 
1 17 C n 
1 18 C n 
1 19 C n 
1 20 U n 
1 21 C n 
1 22 U n 
1 23 A n 
1 24 U n 
1 25 A n 
1 26 A n 
1 27 A n 
1 28 A n 
1 29 A n 
1 30 A n 
1 31 C n 
1 32 U n 
1 33 A n 
1 34 A n 
# 
_pdbx_entity_src_syn.entity_id              1 
_pdbx_entity_src_syn.pdbx_src_id            1 
_pdbx_entity_src_syn.pdbx_alt_source_flag   sample 
_pdbx_entity_src_syn.pdbx_beg_seq_num       ? 
_pdbx_entity_src_syn.pdbx_end_seq_num       ? 
_pdbx_entity_src_syn.organism_scientific    ? 
_pdbx_entity_src_syn.organism_common_name   ? 
_pdbx_entity_src_syn.ncbi_taxonomy_id       ? 
_pdbx_entity_src_syn.details                
'Chemically synthesized RNA corresponding to a mutant of the natural sequence from Bacillus subtilis' 
# 
loop_
_chem_comp.id 
_chem_comp.type 
_chem_comp.mon_nstd_flag 
_chem_comp.name 
_chem_comp.pdbx_synonyms 
_chem_comp.formula 
_chem_comp.formula_weight 
A   'RNA linking' y "ADENOSINE-5'-MONOPHOSPHATE"  ? 'C10 H14 N5 O7 P' 347.221 
C   'RNA linking' y "CYTIDINE-5'-MONOPHOSPHATE"   ? 'C9 H14 N3 O8 P'  323.197 
CA  non-polymer   . 'CALCIUM ION'                 ? 'Ca 2'            40.078  
G   'RNA linking' y "GUANOSINE-5'-MONOPHOSPHATE"  ? 'C10 H14 N5 O8 P' 363.221 
HOH non-polymer   . WATER                         ? 'H2 O'            18.015  
PRF non-polymer   . 7-DEAZA-7-AMINOMETHYL-GUANINE ? 'C7 H9 N5 O'      179.179 
U   'RNA linking' y "URIDINE-5'-MONOPHOSPHATE"    ? 'C9 H13 N2 O9 P'  324.181 
# 
loop_
_pdbx_poly_seq_scheme.asym_id 
_pdbx_poly_seq_scheme.entity_id 
_pdbx_poly_seq_scheme.seq_id 
_pdbx_poly_seq_scheme.mon_id 
_pdbx_poly_seq_scheme.ndb_seq_num 
_pdbx_poly_seq_scheme.pdb_seq_num 
_pdbx_poly_seq_scheme.auth_seq_num 
_pdbx_poly_seq_scheme.pdb_mon_id 
_pdbx_poly_seq_scheme.auth_mon_id 
_pdbx_poly_seq_scheme.pdb_strand_id 
_pdbx_poly_seq_scheme.pdb_ins_code 
_pdbx_poly_seq_scheme.hetero 
A 1 1  A 1  1  1  A A A . n 
A 1 2  G 2  2  2  G G A . n 
A 1 3  A 3  3  3  A A A . n 
A 1 4  G 4  4  4  G G A . n 
A 1 5  G 5  5  5  G G A . n 
A 1 6  U 6  6  6  U U A . n 
A 1 7  U 7  7  7  U U A . n 
A 1 8  C 8  8  8  C C A . n 
A 1 9  U 9  9  9  U U A . n 
A 1 10 A 10 10 10 A A A . n 
A 1 11 G 11 11 11 G G A . n 
A 1 12 C 12 12 12 C C A . n 
A 1 13 A 13 13 ?  ? ? A . n 
A 1 14 C 14 14 ?  ? ? A . n 
A 1 15 A 15 15 ?  ? ? A . n 
A 1 16 U 16 16 ?  ? ? A . n 
A 1 17 C 17 17 17 C C A . n 
A 1 18 C 18 18 18 C C A . n 
A 1 19 C 19 19 19 C C A . n 
A 1 20 U 20 20 20 U U A . n 
A 1 21 C 21 21 21 C C A . n 
A 1 22 U 22 22 22 U U A . n 
A 1 23 A 23 23 23 A A A . n 
A 1 24 U 24 24 24 U U A . n 
A 1 25 A 25 25 25 A A A . n 
A 1 26 A 26 26 26 A A A . n 
A 1 27 A 27 27 27 A A A . n 
A 1 28 A 28 28 28 A A A . n 
A 1 29 A 29 29 29 A A A . n 
A 1 30 A 30 30 30 A A A . n 
A 1 31 C 31 31 31 C C A . n 
A 1 32 U 32 32 32 U U A . n 
A 1 33 A 33 33 33 A A A . n 
A 1 34 A 34 34 34 A A A . n 
# 
loop_
_pdbx_nonpoly_scheme.asym_id 
_pdbx_nonpoly_scheme.entity_id 
_pdbx_nonpoly_scheme.mon_id 
_pdbx_nonpoly_scheme.ndb_seq_num 
_pdbx_nonpoly_scheme.pdb_seq_num 
_pdbx_nonpoly_scheme.auth_seq_num 
_pdbx_nonpoly_scheme.pdb_mon_id 
_pdbx_nonpoly_scheme.auth_mon_id 
_pdbx_nonpoly_scheme.pdb_strand_id 
_pdbx_nonpoly_scheme.pdb_ins_code 
B 2 PRF 1  301 301 PRF PRF A . 
C 3 CA  1  201 201 CA  CA  A . 
D 3 CA  1  203 203 CA  CA  A . 
E 3 CA  1  204 204 CA  CA  A . 
F 3 CA  1  205 205 CA  CA  A . 
G 4 HOH 1  102 102 HOH HOH A . 
G 4 HOH 2  103 103 HOH HOH A . 
G 4 HOH 3  104 104 HOH HOH A . 
G 4 HOH 4  105 105 HOH HOH A . 
G 4 HOH 5  106 106 HOH HOH A . 
G 4 HOH 6  108 108 HOH HOH A . 
G 4 HOH 7  109 109 HOH HOH A . 
G 4 HOH 8  110 110 HOH HOH A . 
G 4 HOH 9  111 111 HOH HOH A . 
G 4 HOH 10 112 112 HOH HOH A . 
G 4 HOH 11 113 113 HOH HOH A . 
G 4 HOH 12 114 114 HOH HOH A . 
G 4 HOH 13 115 115 HOH HOH A . 
G 4 HOH 14 116 116 HOH HOH A . 
G 4 HOH 15 117 117 HOH HOH A . 
G 4 HOH 16 118 118 HOH HOH A . 
G 4 HOH 17 119 119 HOH HOH A . 
G 4 HOH 18 121 121 HOH HOH A . 
G 4 HOH 19 122 122 HOH HOH A . 
G 4 HOH 20 123 123 HOH HOH A . 
G 4 HOH 21 124 124 HOH HOH A . 
G 4 HOH 22 125 125 HOH HOH A . 
G 4 HOH 23 126 126 HOH HOH A . 
G 4 HOH 24 127 127 HOH HOH A . 
G 4 HOH 25 129 129 HOH HOH A . 
G 4 HOH 26 130 130 HOH HOH A . 
G 4 HOH 27 131 131 HOH HOH A . 
G 4 HOH 28 132 132 HOH HOH A . 
G 4 HOH 29 133 133 HOH HOH A . 
G 4 HOH 30 134 134 HOH HOH A . 
G 4 HOH 31 135 135 HOH HOH A . 
G 4 HOH 32 136 136 HOH HOH A . 
G 4 HOH 33 137 137 HOH HOH A . 
G 4 HOH 34 138 138 HOH HOH A . 
G 4 HOH 35 139 139 HOH HOH A . 
G 4 HOH 36 140 140 HOH HOH A . 
G 4 HOH 37 141 141 HOH HOH A . 
G 4 HOH 38 142 142 HOH HOH A . 
G 4 HOH 39 146 146 HOH HOH A . 
G 4 HOH 40 147 147 HOH HOH A . 
G 4 HOH 41 148 148 HOH HOH A . 
G 4 HOH 42 149 149 HOH HOH A . 
G 4 HOH 43 151 151 HOH HOH A . 
G 4 HOH 44 152 152 HOH HOH A . 
G 4 HOH 45 153 153 HOH HOH A . 
G 4 HOH 46 155 155 HOH HOH A . 
G 4 HOH 47 156 156 HOH HOH A . 
G 4 HOH 48 157 157 HOH HOH A . 
G 4 HOH 49 158 158 HOH HOH A . 
G 4 HOH 50 159 159 HOH HOH A . 
G 4 HOH 51 160 160 HOH HOH A . 
G 4 HOH 52 161 161 HOH HOH A . 
G 4 HOH 53 162 162 HOH HOH A . 
G 4 HOH 54 163 163 HOH HOH A . 
G 4 HOH 55 164 164 HOH HOH A . 
G 4 HOH 56 165 165 HOH HOH A . 
G 4 HOH 57 166 166 HOH HOH A . 
G 4 HOH 58 167 167 HOH HOH A . 
G 4 HOH 59 168 168 HOH HOH A . 
G 4 HOH 60 169 169 HOH HOH A . 
G 4 HOH 61 170 170 HOH HOH A . 
G 4 HOH 62 202 202 HOH HOH A . 
# 
loop_
_pdbx_unobs_or_zero_occ_atoms.id 
_pdbx_unobs_or_zero_occ_atoms.PDB_model_num 
_pdbx_unobs_or_zero_occ_atoms.polymer_flag 
_pdbx_unobs_or_zero_occ_atoms.occupancy_flag 
_pdbx_unobs_or_zero_occ_atoms.auth_asym_id 
_pdbx_unobs_or_zero_occ_atoms.auth_comp_id 
_pdbx_unobs_or_zero_occ_atoms.auth_seq_id 
_pdbx_unobs_or_zero_occ_atoms.PDB_ins_code 
_pdbx_unobs_or_zero_occ_atoms.auth_atom_id 
_pdbx_unobs_or_zero_occ_atoms.label_alt_id 
_pdbx_unobs_or_zero_occ_atoms.label_asym_id 
_pdbx_unobs_or_zero_occ_atoms.label_comp_id 
_pdbx_unobs_or_zero_occ_atoms.label_seq_id 
_pdbx_unobs_or_zero_occ_atoms.label_atom_id 
1  1 Y 1 A C 12 ? "C5'" ? A C 12 "C5'" 
2  1 Y 1 A C 12 ? "C4'" ? A C 12 "C4'" 
3  1 Y 1 A C 12 ? "O4'" ? A C 12 "O4'" 
4  1 Y 1 A C 12 ? "C3'" ? A C 12 "C3'" 
5  1 Y 1 A C 12 ? "O3'" ? A C 12 "O3'" 
6  1 Y 1 A C 12 ? "C2'" ? A C 12 "C2'" 
7  1 Y 1 A C 12 ? "O2'" ? A C 12 "O2'" 
8  1 Y 1 A C 12 ? "C1'" ? A C 12 "C1'" 
9  1 Y 1 A C 12 ? N1    ? A C 12 N1    
10 1 Y 1 A C 12 ? C2    ? A C 12 C2    
11 1 Y 1 A C 12 ? O2    ? A C 12 O2    
12 1 Y 1 A C 12 ? N3    ? A C 12 N3    
13 1 Y 1 A C 12 ? C4    ? A C 12 C4    
14 1 Y 1 A C 12 ? N4    ? A C 12 N4    
15 1 Y 1 A C 12 ? C5    ? A C 12 C5    
16 1 Y 1 A C 12 ? C6    ? A C 12 C6    
17 1 Y 1 A C 17 ? P     ? A C 17 P     
18 1 Y 1 A C 17 ? OP1   ? A C 17 OP1   
19 1 Y 1 A C 17 ? OP2   ? A C 17 OP2   
# 
loop_
_software.name 
_software.classification 
_software.version 
_software.citation_id 
_software.pdbx_ordinal 
PHASER    phasing          .   ? 1 
CNS       refinement       1.2 ? 2 
DENZO     'data reduction' .   ? 3 
SCALEPACK 'data scaling'   .   ? 4 
# 
_cell.entry_id           3K1V 
_cell.length_a           76.810 
_cell.length_b           76.810 
_cell.length_c           85.900 
_cell.angle_alpha        90.00 
_cell.angle_beta         90.00 
_cell.angle_gamma        120.00 
_cell.Z_PDB              18 
_cell.pdbx_unique_axis   ? 
_cell.length_a_esd       ? 
_cell.length_b_esd       ? 
_cell.length_c_esd       ? 
_cell.angle_alpha_esd    ? 
_cell.angle_beta_esd     ? 
_cell.angle_gamma_esd    ? 
# 
_symmetry.entry_id                         3K1V 
_symmetry.space_group_name_H-M             'H 3 2' 
_symmetry.pdbx_full_space_group_name_H-M   ? 
_symmetry.cell_setting                     ? 
_symmetry.Int_Tables_number                155 
_symmetry.space_group_name_Hall            ? 
# 
_exptl.entry_id          3K1V 
_exptl.method            'X-RAY DIFFRACTION' 
_exptl.crystals_number   1 
# 
_exptl_crystal.id                    1 
_exptl_crystal.density_meas          ? 
_exptl_crystal.density_Matthews      2.25 
_exptl_crystal.density_percent_sol   45.34 
_exptl_crystal.description           ? 
_exptl_crystal.F_000                 ? 
_exptl_crystal.preparation           ? 
# 
_exptl_crystal_grow.crystal_id      1 
_exptl_crystal_grow.method          ? 
_exptl_crystal_grow.temp            ? 
_exptl_crystal_grow.temp_details    ? 
_exptl_crystal_grow.pH              7 
_exptl_crystal_grow.pdbx_details    
'30% PEG 200, 50MM CACL2, 100MM HEPES-KOH PH 7.0, VAPOR DIFFUSION, HANGING DROP, TEMPERATURE 296K' 
_exptl_crystal_grow.pdbx_pH_range   ? 
# 
_diffrn.id                     1 
_diffrn.ambient_temp           ? 
_diffrn.ambient_temp_details   ? 
_diffrn.crystal_id             1 
# 
_diffrn_detector.diffrn_id              1 
_diffrn_detector.detector               CCD 
_diffrn_detector.type                   'ADSC QUANTUM 210' 
_diffrn_detector.pdbx_collection_date   ? 
_diffrn_detector.details                ? 
# 
_diffrn_radiation.diffrn_id                        1 
_diffrn_radiation.wavelength_id                    1 
_diffrn_radiation.pdbx_monochromatic_or_laue_m_l   M 
_diffrn_radiation.monochromator                    ? 
_diffrn_radiation.pdbx_diffrn_protocol             'SINGLE WAVELENGTH' 
_diffrn_radiation.pdbx_scattering_type             x-ray 
# 
_diffrn_radiation_wavelength.id           1 
_diffrn_radiation_wavelength.wavelength   1.0 
_diffrn_radiation_wavelength.wt           1.0 
# 
_diffrn_source.diffrn_id                   1 
_diffrn_source.source                      SYNCHROTRON 
_diffrn_source.type                        'ALS BEAMLINE 5.0.1' 
_diffrn_source.pdbx_synchrotron_site       ALS 
_diffrn_source.pdbx_synchrotron_beamline   5.0.1 
_diffrn_source.pdbx_wavelength             1.0 
_diffrn_source.pdbx_wavelength_list        ? 
# 
_reflns.entry_id                     3K1V 
_reflns.observed_criterion_sigma_I   ? 
_reflns.observed_criterion_sigma_F   ? 
_reflns.d_resolution_low             30.000 
_reflns.d_resolution_high            2.200 
_reflns.number_obs                   4836 
_reflns.number_all                   ? 
_reflns.percent_possible_obs         95.0 
_reflns.pdbx_Rmerge_I_obs            0.08500 
_reflns.pdbx_Rsym_value              ? 
_reflns.pdbx_netI_over_sigmaI        ? 
_reflns.B_iso_Wilson_estimate        ? 
_reflns.pdbx_redundancy              8.800 
_reflns.R_free_details               ? 
_reflns.limit_h_max                  ? 
_reflns.limit_h_min                  ? 
_reflns.limit_k_max                  ? 
_reflns.limit_k_min                  ? 
_reflns.limit_l_max                  ? 
_reflns.limit_l_min                  ? 
_reflns.observed_criterion_F_max     ? 
_reflns.observed_criterion_F_min     ? 
_reflns.pdbx_chi_squared             ? 
_reflns.pdbx_scaling_rejects         ? 
_reflns.pdbx_diffrn_id               1 
_reflns.pdbx_ordinal                 1 
# 
_reflns_shell.d_res_high             2.20 
_reflns_shell.d_res_low              2.28 
_reflns_shell.percent_possible_all   69.1 
_reflns_shell.Rmerge_I_obs           0.41400 
_reflns_shell.pdbx_Rsym_value        ? 
_reflns_shell.meanI_over_sigI_obs    ? 
_reflns_shell.pdbx_redundancy        2.20 
_reflns_shell.percent_possible_obs   ? 
_reflns_shell.number_unique_all      ? 
_reflns_shell.number_measured_all    ? 
_reflns_shell.number_measured_obs    ? 
_reflns_shell.number_unique_obs      ? 
_reflns_shell.pdbx_chi_squared       ? 
_reflns_shell.pdbx_diffrn_id         ? 
_reflns_shell.pdbx_ordinal           1 
# 
_refine.entry_id                                 3K1V 
_refine.ls_number_reflns_obs                     4592 
_refine.ls_number_reflns_all                     ? 
_refine.pdbx_ls_sigma_I                          ? 
_refine.pdbx_ls_sigma_F                          0.000 
_refine.pdbx_data_cutoff_high_absF               ? 
_refine.pdbx_data_cutoff_low_absF                ? 
_refine.pdbx_data_cutoff_high_rms_absF           ? 
_refine.ls_d_res_low                             30.00 
_refine.ls_d_res_high                            2.20 
_refine.ls_percent_reflns_obs                    ? 
_refine.ls_R_factor_obs                          0.230 
_refine.ls_R_factor_all                          ? 
_refine.ls_R_factor_R_work                       0.230 
_refine.ls_R_factor_R_free                       0.269 
_refine.ls_R_factor_R_free_error                 ? 
_refine.ls_R_factor_R_free_error_details         ? 
_refine.ls_percent_reflns_R_free                 ? 
_refine.ls_number_reflns_R_free                  483 
_refine.ls_number_parameters                     ? 
_refine.ls_number_restraints                     ? 
_refine.occupancy_min                            ? 
_refine.occupancy_max                            ? 
_refine.correlation_coeff_Fo_to_Fc               ? 
_refine.correlation_coeff_Fo_to_Fc_free          ? 
_refine.B_iso_mean                               ? 
_refine.aniso_B[1][1]                            ? 
_refine.aniso_B[2][2]                            ? 
_refine.aniso_B[3][3]                            ? 
_refine.aniso_B[1][2]                            ? 
_refine.aniso_B[1][3]                            ? 
_refine.aniso_B[2][3]                            ? 
_refine.solvent_model_details                    ? 
_refine.solvent_model_param_ksol                 ? 
_refine.solvent_model_param_bsol                 ? 
_refine.pdbx_solvent_vdw_probe_radii             ? 
_refine.pdbx_solvent_ion_probe_radii             ? 
_refine.pdbx_solvent_shrinkage_radii             ? 
_refine.pdbx_ls_cross_valid_method               ? 
_refine.details                                  ? 
_refine.pdbx_starting_model                      ? 
_refine.pdbx_method_to_determine_struct          'MOLECULAR REPLACEMENT' 
_refine.pdbx_isotropic_thermal_model             ? 
_refine.pdbx_stereochemistry_target_values       'ENGH & HUBER' 
_refine.pdbx_stereochem_target_val_spec_case     ? 
_refine.pdbx_R_Free_selection_details            RANDOM 
_refine.pdbx_overall_ESU_R                       ? 
_refine.pdbx_overall_ESU_R_Free                  ? 
_refine.overall_SU_ML                            ? 
_refine.overall_SU_B                             ? 
_refine.ls_redundancy_reflns_obs                 ? 
_refine.B_iso_min                                ? 
_refine.B_iso_max                                ? 
_refine.overall_SU_R_Cruickshank_DPI             ? 
_refine.overall_SU_R_free                        ? 
_refine.ls_wR_factor_R_free                      ? 
_refine.ls_wR_factor_R_work                      ? 
_refine.overall_FOM_free_R_set                   ? 
_refine.overall_FOM_work_R_set                   ? 
_refine.pdbx_overall_phase_error                 ? 
_refine.pdbx_refine_id                           'X-RAY DIFFRACTION' 
_refine.pdbx_diffrn_id                           1 
_refine.pdbx_TLS_residual_ADP_flag               ? 
_refine.pdbx_overall_SU_R_free_Cruickshank_DPI   ? 
_refine.pdbx_overall_SU_R_Blow_DPI               ? 
_refine.pdbx_overall_SU_R_free_Blow_DPI          ? 
# 
_refine_analyze.entry_id                        3K1V 
_refine_analyze.Luzzati_coordinate_error_obs    ? 
_refine_analyze.Luzzati_sigma_a_obs             0.32 
_refine_analyze.Luzzati_d_res_low_obs           5.00 
_refine_analyze.Luzzati_coordinate_error_free   ? 
_refine_analyze.Luzzati_sigma_a_free            0.38 
_refine_analyze.Luzzati_d_res_low_free          ? 
_refine_analyze.number_disordered_residues      ? 
_refine_analyze.occupancy_sum_hydrogen          ? 
_refine_analyze.occupancy_sum_non_hydrogen      ? 
_refine_analyze.pdbx_Luzzati_d_res_high_obs     ? 
_refine_analyze.pdbx_refine_id                  'X-RAY DIFFRACTION' 
# 
_refine_hist.pdbx_refine_id                   'X-RAY DIFFRACTION' 
_refine_hist.cycle_id                         LAST 
_refine_hist.pdbx_number_atoms_protein        0 
_refine_hist.pdbx_number_atoms_nucleic_acid   614 
_refine_hist.pdbx_number_atoms_ligand         17 
_refine_hist.number_atoms_solvent             62 
_refine_hist.number_atoms_total               693 
_refine_hist.d_res_high                       2.20 
_refine_hist.d_res_low                        30.00 
# 
loop_
_refine_ls_restr.type 
_refine_ls_restr.dev_ideal 
_refine_ls_restr.dev_ideal_target 
_refine_ls_restr.weight 
_refine_ls_restr.number 
_refine_ls_restr.pdbx_refine_id 
_refine_ls_restr.pdbx_restraint_function 
c_bond_d                0.004 ? ? ? 'X-RAY DIFFRACTION' ? 
c_bond_d_na             ?     ? ? ? 'X-RAY DIFFRACTION' ? 
c_bond_d_prot           ?     ? ? ? 'X-RAY DIFFRACTION' ? 
c_angle_d               ?     ? ? ? 'X-RAY DIFFRACTION' ? 
c_angle_d_na            ?     ? ? ? 'X-RAY DIFFRACTION' ? 
c_angle_d_prot          ?     ? ? ? 'X-RAY DIFFRACTION' ? 
c_angle_deg             1.32  ? ? ? 'X-RAY DIFFRACTION' ? 
c_angle_deg_na          ?     ? ? ? 'X-RAY DIFFRACTION' ? 
c_angle_deg_prot        ?     ? ? ? 'X-RAY DIFFRACTION' ? 
c_dihedral_angle_d      ?     ? ? ? 'X-RAY DIFFRACTION' ? 
c_dihedral_angle_d_na   ?     ? ? ? 'X-RAY DIFFRACTION' ? 
c_dihedral_angle_d_prot ?     ? ? ? 'X-RAY DIFFRACTION' ? 
c_improper_angle_d      ?     ? ? ? 'X-RAY DIFFRACTION' ? 
c_improper_angle_d_na   ?     ? ? ? 'X-RAY DIFFRACTION' ? 
c_improper_angle_d_prot ?     ? ? ? 'X-RAY DIFFRACTION' ? 
c_mcbond_it             ?     ? ? ? 'X-RAY DIFFRACTION' ? 
c_mcangle_it            ?     ? ? ? 'X-RAY DIFFRACTION' ? 
c_scbond_it             ?     ? ? ? 'X-RAY DIFFRACTION' ? 
c_scangle_it            ?     ? ? ? 'X-RAY DIFFRACTION' ? 
# 
_struct.entry_id                  3K1V 
_struct.title                     'Cocrystal structure of a mutant class-I preQ1 riboswitch' 
_struct.pdbx_model_details        ? 
_struct.pdbx_CASP_flag            ? 
_struct.pdbx_model_type_details   ? 
# 
_struct_keywords.entry_id        3K1V 
_struct_keywords.pdbx_keywords   RNA 
_struct_keywords.text            'RNA; APTAMER; RIBOSWITCH; QUEUOSINE; PREQ1, RNA' 
# 
loop_
_struct_asym.id 
_struct_asym.pdbx_blank_PDB_chainid_flag 
_struct_asym.pdbx_modified 
_struct_asym.entity_id 
_struct_asym.details 
A N N 1 ? 
B N N 2 ? 
C N N 3 ? 
D N N 3 ? 
E N N 3 ? 
F N N 3 ? 
G N N 4 ? 
# 
_struct_ref.id                         1 
_struct_ref.db_name                    PDB 
_struct_ref.db_code                    3K1V 
_struct_ref.entity_id                  1 
_struct_ref.pdbx_seq_one_letter_code   AGAGGUUCUAGCACAUCCCUCUAUAAAAAACUAA 
_struct_ref.pdbx_align_begin           ? 
_struct_ref.pdbx_db_accession          3K1V 
_struct_ref.pdbx_db_isoform            ? 
# 
_struct_ref_seq.align_id                      1 
_struct_ref_seq.ref_id                        1 
_struct_ref_seq.pdbx_PDB_id_code              3K1V 
_struct_ref_seq.pdbx_strand_id                A 
_struct_ref_seq.seq_align_beg                 1 
_struct_ref_seq.pdbx_seq_align_beg_ins_code   ? 
_struct_ref_seq.seq_align_end                 34 
_struct_ref_seq.pdbx_seq_align_end_ins_code   ? 
_struct_ref_seq.pdbx_db_accession             3K1V 
_struct_ref_seq.db_align_beg                  1 
_struct_ref_seq.pdbx_db_align_beg_ins_code    ? 
_struct_ref_seq.db_align_end                  34 
_struct_ref_seq.pdbx_db_align_end_ins_code    ? 
_struct_ref_seq.pdbx_auth_seq_align_beg       1 
_struct_ref_seq.pdbx_auth_seq_align_end       34 
# 
_pdbx_struct_assembly.id                   1 
_pdbx_struct_assembly.details              author_defined_assembly 
_pdbx_struct_assembly.method_details       ? 
_pdbx_struct_assembly.oligomeric_details   monomeric 
_pdbx_struct_assembly.oligomeric_count     1 
# 
_pdbx_struct_assembly_gen.assembly_id       1 
_pdbx_struct_assembly_gen.oper_expression   1 
_pdbx_struct_assembly_gen.asym_id_list      A,B,C,D,E,F,G 
# 
_pdbx_struct_oper_list.id                   1 
_pdbx_struct_oper_list.type                 'identity operation' 
_pdbx_struct_oper_list.name                 1_555 
_pdbx_struct_oper_list.symmetry_operation   x,y,z 
_pdbx_struct_oper_list.matrix[1][1]         1.0000000000 
_pdbx_struct_oper_list.matrix[1][2]         0.0000000000 
_pdbx_struct_oper_list.matrix[1][3]         0.0000000000 
_pdbx_struct_oper_list.vector[1]            0.0000000000 
_pdbx_struct_oper_list.matrix[2][1]         0.0000000000 
_pdbx_struct_oper_list.matrix[2][2]         1.0000000000 
_pdbx_struct_oper_list.matrix[2][3]         0.0000000000 
_pdbx_struct_oper_list.vector[2]            0.0000000000 
_pdbx_struct_oper_list.matrix[3][1]         0.0000000000 
_pdbx_struct_oper_list.matrix[3][2]         0.0000000000 
_pdbx_struct_oper_list.matrix[3][3]         1.0000000000 
_pdbx_struct_oper_list.vector[3]            0.0000000000 
# 
_struct_biol.id        1 
_struct_biol.details   ? 
# 
loop_
_struct_conn.id 
_struct_conn.conn_type_id 
_struct_conn.pdbx_leaving_atom_flag 
_struct_conn.pdbx_PDB_id 
_struct_conn.ptnr1_label_asym_id 
_struct_conn.ptnr1_label_comp_id 
_struct_conn.ptnr1_label_seq_id 
_struct_conn.ptnr1_label_atom_id 
_struct_conn.pdbx_ptnr1_label_alt_id 
_struct_conn.pdbx_ptnr1_PDB_ins_code 
_struct_conn.pdbx_ptnr1_standard_comp_id 
_struct_conn.ptnr1_symmetry 
_struct_conn.ptnr2_label_asym_id 
_struct_conn.ptnr2_label_comp_id 
_struct_conn.ptnr2_label_seq_id 
_struct_conn.ptnr2_label_atom_id 
_struct_conn.pdbx_ptnr2_label_alt_id 
_struct_conn.pdbx_ptnr2_PDB_ins_code 
_struct_conn.ptnr1_auth_asym_id 
_struct_conn.ptnr1_auth_comp_id 
_struct_conn.ptnr1_auth_seq_id 
_struct_conn.ptnr2_auth_asym_id 
_struct_conn.ptnr2_auth_comp_id 
_struct_conn.ptnr2_auth_seq_id 
_struct_conn.ptnr2_symmetry 
_struct_conn.pdbx_ptnr3_label_atom_id 
_struct_conn.pdbx_ptnr3_label_seq_id 
_struct_conn.pdbx_ptnr3_label_comp_id 
_struct_conn.pdbx_ptnr3_label_asym_id 
_struct_conn.pdbx_ptnr3_label_alt_id 
_struct_conn.pdbx_ptnr3_PDB_ins_code 
_struct_conn.details 
_struct_conn.pdbx_dist_value 
_struct_conn.pdbx_value_order 
_struct_conn.pdbx_role 
metalc1  metalc ? ? A G   5  OP2 ? ? ? 1_555 D CA .  CA ? ? A G   5   A CA 203 1_555 ? ? ? ? ? ? ?             2.347 ? ? 
metalc2  metalc ? ? A U   7  OP2 ? ? ? 1_555 E CA .  CA ? ? A U   7   A CA 204 1_555 ? ? ? ? ? ? ?             2.273 ? ? 
metalc3  metalc ? ? A C   8  OP2 ? ? ? 1_555 C CA .  CA ? ? A C   8   A CA 201 1_555 ? ? ? ? ? ? ?             2.289 ? ? 
metalc4  metalc ? ? A U   9  OP2 ? ? ? 1_555 E CA .  CA ? ? A U   9   A CA 204 1_555 ? ? ? ? ? ? ?             2.170 ? ? 
metalc5  metalc ? ? G HOH .  O   ? ? ? 1_555 F CA .  CA ? ? A HOH 102 A CA 205 1_555 ? ? ? ? ? ? ?             2.435 ? ? 
metalc6  metalc ? ? G HOH .  O   ? ? ? 1_555 F CA .  CA ? ? A HOH 103 A CA 205 1_555 ? ? ? ? ? ? ?             2.778 ? ? 
metalc7  metalc ? ? G HOH .  O   ? ? ? 1_555 F CA .  CA ? ? A HOH 104 A CA 205 1_555 ? ? ? ? ? ? ?             2.784 ? ? 
metalc8  metalc ? ? G HOH .  O   ? ? ? 1_555 F CA .  CA ? ? A HOH 106 A CA 205 1_555 ? ? ? ? ? ? ?             2.694 ? ? 
metalc9  metalc ? ? G HOH .  O   ? ? ? 1_555 C CA .  CA ? ? A HOH 108 A CA 201 1_555 ? ? ? ? ? ? ?             2.596 ? ? 
metalc10 metalc ? ? G HOH .  O   ? ? ? 1_555 C CA .  CA ? ? A HOH 109 A CA 201 1_555 ? ? ? ? ? ? ?             2.605 ? ? 
metalc11 metalc ? ? G HOH .  O   ? ? ? 1_555 E CA .  CA ? ? A HOH 110 A CA 204 1_555 ? ? ? ? ? ? ?             2.515 ? ? 
metalc12 metalc ? ? G HOH .  O   ? ? ? 1_555 E CA .  CA ? ? A HOH 111 A CA 204 1_555 ? ? ? ? ? ? ?             2.397 ? ? 
metalc13 metalc ? ? G HOH .  O   ? ? ? 1_555 E CA .  CA ? ? A HOH 112 A CA 204 1_555 ? ? ? ? ? ? ?             2.973 ? ? 
metalc14 metalc ? ? G HOH .  O   ? ? ? 1_555 E CA .  CA ? ? A HOH 113 A CA 204 1_555 ? ? ? ? ? ? ?             2.466 ? ? 
metalc15 metalc ? ? G HOH .  O   ? ? ? 1_555 D CA .  CA ? ? A HOH 122 A CA 203 1_555 ? ? ? ? ? ? ?             2.574 ? ? 
metalc16 metalc ? ? G HOH .  O   ? ? ? 1_555 E CA .  CA ? ? A HOH 129 A CA 204 1_555 ? ? ? ? ? ? ?             2.532 ? ? 
metalc17 metalc ? ? G HOH .  O   ? ? ? 1_555 D CA .  CA ? ? A HOH 134 A CA 203 1_555 ? ? ? ? ? ? ?             2.533 ? ? 
metalc18 metalc ? ? G HOH .  O   ? ? ? 1_555 D CA .  CA ? ? A HOH 135 A CA 203 1_555 ? ? ? ? ? ? ?             2.772 ? ? 
metalc19 metalc ? ? G HOH .  O   ? ? ? 1_555 D CA .  CA ? ? A HOH 137 A CA 203 1_555 ? ? ? ? ? ? ?             2.598 ? ? 
metalc20 metalc ? ? G HOH .  O   ? ? ? 1_555 D CA .  CA ? ? A HOH 152 A CA 203 1_555 ? ? ? ? ? ? ?             2.879 ? ? 
hydrog1  hydrog ? ? A A   1  N1  ? ? ? 1_555 A U  22 N3 ? ? A A   1   A U  22  1_555 ? ? ? ? ? ? WATSON-CRICK  ?     ? ? 
hydrog2  hydrog ? ? A A   1  N6  ? ? ? 1_555 A U  22 O4 ? ? A A   1   A U  22  1_555 ? ? ? ? ? ? WATSON-CRICK  ?     ? ? 
hydrog3  hydrog ? ? A G   2  N1  ? ? ? 1_555 A C  21 N3 ? ? A G   2   A C  21  1_555 ? ? ? ? ? ? WATSON-CRICK  ?     ? ? 
hydrog4  hydrog ? ? A G   2  N2  ? ? ? 1_555 A C  21 O2 ? ? A G   2   A C  21  1_555 ? ? ? ? ? ? WATSON-CRICK  ?     ? ? 
hydrog5  hydrog ? ? A G   2  O6  ? ? ? 1_555 A C  21 N4 ? ? A G   2   A C  21  1_555 ? ? ? ? ? ? WATSON-CRICK  ?     ? ? 
hydrog6  hydrog ? ? A G   2  N2  ? ? ? 1_555 A U  24 O4 ? ? A G   2   A U  24  1_555 ? ? ? ? ? ? 'G-U MISPAIR' ?     ? ? 
hydrog7  hydrog ? ? A A   3  N1  ? ? ? 1_555 A U  20 N3 ? ? A A   3   A U  20  1_555 ? ? ? ? ? ? WATSON-CRICK  ?     ? ? 
hydrog8  hydrog ? ? A A   3  N6  ? ? ? 1_555 A U  20 O4 ? ? A A   3   A U  20  1_555 ? ? ? ? ? ? WATSON-CRICK  ?     ? ? 
hydrog9  hydrog ? ? A G   4  N1  ? ? ? 1_555 A C  19 N3 ? ? A G   4   A C  19  1_555 ? ? ? ? ? ? WATSON-CRICK  ?     ? ? 
hydrog10 hydrog ? ? A G   4  N2  ? ? ? 1_555 A C  19 O2 ? ? A G   4   A C  19  1_555 ? ? ? ? ? ? WATSON-CRICK  ?     ? ? 
hydrog11 hydrog ? ? A G   4  O6  ? ? ? 1_555 A C  19 N4 ? ? A G   4   A C  19  1_555 ? ? ? ? ? ? WATSON-CRICK  ?     ? ? 
hydrog12 hydrog ? ? A G   5  N1  ? ? ? 1_555 A C  18 N3 ? ? A G   5   A C  18  1_555 ? ? ? ? ? ? WATSON-CRICK  ?     ? ? 
hydrog13 hydrog ? ? A G   5  N2  ? ? ? 1_555 A C  18 O2 ? ? A G   5   A C  18  1_555 ? ? ? ? ? ? WATSON-CRICK  ?     ? ? 
hydrog14 hydrog ? ? A G   5  O6  ? ? ? 1_555 A C  18 N4 ? ? A G   5   A C  18  1_555 ? ? ? ? ? ? WATSON-CRICK  ?     ? ? 
hydrog15 hydrog ? ? A G   5  N2  ? ? ? 1_555 A A  28 N1 ? ? A G   5   A A  28  1_555 ? ? ? ? ? ? TYPE_10_PAIR  ?     ? ? 
hydrog16 hydrog ? ? A G   5  N3  ? ? ? 1_555 A A  28 N6 ? ? A G   5   A A  28  1_555 ? ? ? ? ? ? TYPE_10_PAIR  ?     ? ? 
hydrog17 hydrog ? ? A U   6  N3  ? ? ? 1_555 A A  29 N7 ? ? A U   6   A A  29  1_555 ? ? ? ? ? ? HOOGSTEEN     ?     ? ? 
hydrog18 hydrog ? ? A U   6  O4  ? ? ? 1_555 A A  29 N6 ? ? A U   6   A A  29  1_555 ? ? ? ? ? ? HOOGSTEEN     ?     ? ? 
hydrog19 hydrog ? ? A U   6  O4  ? ? ? 1_555 A A  30 N6 ? ? A U   6   A A  30  1_555 ? ? ? ? ? ? 'U-A PAIR'    ?     ? ? 
hydrog20 hydrog ? ? A U   7  N3  ? ? ? 1_555 A A  30 N7 ? ? A U   7   A A  30  1_555 ? ? ? ? ? ? HOOGSTEEN     ?     ? ? 
hydrog21 hydrog ? ? A U   7  O4  ? ? ? 1_555 A A  30 N6 ? ? A U   7   A A  30  1_555 ? ? ? ? ? ? HOOGSTEEN     ?     ? ? 
hydrog22 hydrog ? ? A C   8  N4  ? ? ? 1_555 A A  34 N1 ? ? A C   8   A A  34  1_555 ? ? ? ? ? ? 'C-A MISPAIR' ?     ? ? 
hydrog23 hydrog ? ? A U   9  N3  ? ? ? 1_555 A A  33 N1 ? ? A U   9   A A  33  1_555 ? ? ? ? ? ? WATSON-CRICK  ?     ? ? 
hydrog24 hydrog ? ? A U   9  O4  ? ? ? 1_555 A A  33 N6 ? ? A U   9   A A  33  1_555 ? ? ? ? ? ? WATSON-CRICK  ?     ? ? 
hydrog25 hydrog ? ? A A   10 N1  ? ? ? 1_555 A U  32 N3 ? ? A A   10  A U  32  1_555 ? ? ? ? ? ? WATSON-CRICK  ?     ? ? 
hydrog26 hydrog ? ? A A   10 N6  ? ? ? 1_555 A U  32 O4 ? ? A A   10  A U  32  1_555 ? ? ? ? ? ? WATSON-CRICK  ?     ? ? 
hydrog27 hydrog ? ? A G   11 N1  ? ? ? 1_555 A C  31 N3 ? ? A G   11  A C  31  1_555 ? ? ? ? ? ? WATSON-CRICK  ?     ? ? 
hydrog28 hydrog ? ? A G   11 N2  ? ? ? 1_555 A C  31 O2 ? ? A G   11  A C  31  1_555 ? ? ? ? ? ? WATSON-CRICK  ?     ? ? 
hydrog29 hydrog ? ? A G   11 O6  ? ? ? 1_555 A C  31 N4 ? ? A G   11  A C  31  1_555 ? ? ? ? ? ? WATSON-CRICK  ?     ? ? 
hydrog30 hydrog ? ? A C   18 O2  ? ? ? 1_555 A A  29 N6 ? ? A C   18  A A  29  1_555 ? ? ? ? ? ? 'C-A MISPAIR' ?     ? ? 
hydrog31 hydrog ? ? A C   19 O2  ? ? ? 1_555 A A  27 N6 ? ? A C   19  A A  27  1_555 ? ? ? ? ? ? 'C-A MISPAIR' ?     ? ? 
hydrog32 hydrog ? ? A U   20 O2  ? ? ? 1_555 A A  26 N6 ? ? A U   20  A A  26  1_555 ? ? ? ? ? ? 'U-A PAIR'    ?     ? ? 
hydrog33 hydrog ? ? A C   21 O2  ? ? ? 1_555 A A  25 N6 ? ? A C   21  A A  25  1_555 ? ? ? ? ? ? 'C-A MISPAIR' ?     ? ? 
# 
loop_
_struct_conn_type.id 
_struct_conn_type.criteria 
_struct_conn_type.reference 
metalc ? ? 
hydrog ? ? 
# 
loop_
_pdbx_struct_conn_angle.id 
_pdbx_struct_conn_angle.ptnr1_label_atom_id 
_pdbx_struct_conn_angle.ptnr1_label_alt_id 
_pdbx_struct_conn_angle.ptnr1_label_asym_id 
_pdbx_struct_conn_angle.ptnr1_label_comp_id 
_pdbx_struct_conn_angle.ptnr1_label_seq_id 
_pdbx_struct_conn_angle.ptnr1_auth_atom_id 
_pdbx_struct_conn_angle.ptnr1_auth_asym_id 
_pdbx_struct_conn_angle.ptnr1_auth_comp_id 
_pdbx_struct_conn_angle.ptnr1_auth_seq_id 
_pdbx_struct_conn_angle.ptnr1_PDB_ins_code 
_pdbx_struct_conn_angle.ptnr1_symmetry 
_pdbx_struct_conn_angle.ptnr2_label_atom_id 
_pdbx_struct_conn_angle.ptnr2_label_alt_id 
_pdbx_struct_conn_angle.ptnr2_label_asym_id 
_pdbx_struct_conn_angle.ptnr2_label_comp_id 
_pdbx_struct_conn_angle.ptnr2_label_seq_id 
_pdbx_struct_conn_angle.ptnr2_auth_atom_id 
_pdbx_struct_conn_angle.ptnr2_auth_asym_id 
_pdbx_struct_conn_angle.ptnr2_auth_comp_id 
_pdbx_struct_conn_angle.ptnr2_auth_seq_id 
_pdbx_struct_conn_angle.ptnr2_PDB_ins_code 
_pdbx_struct_conn_angle.ptnr2_symmetry 
_pdbx_struct_conn_angle.ptnr3_label_atom_id 
_pdbx_struct_conn_angle.ptnr3_label_alt_id 
_pdbx_struct_conn_angle.ptnr3_label_asym_id 
_pdbx_struct_conn_angle.ptnr3_label_comp_id 
_pdbx_struct_conn_angle.ptnr3_label_seq_id 
_pdbx_struct_conn_angle.ptnr3_auth_atom_id 
_pdbx_struct_conn_angle.ptnr3_auth_asym_id 
_pdbx_struct_conn_angle.ptnr3_auth_comp_id 
_pdbx_struct_conn_angle.ptnr3_auth_seq_id 
_pdbx_struct_conn_angle.ptnr3_PDB_ins_code 
_pdbx_struct_conn_angle.ptnr3_symmetry 
_pdbx_struct_conn_angle.value 
_pdbx_struct_conn_angle.value_esd 
1  OP2 ? A G   5 ? A G   5   ? 1_555 CA ? D CA . ? A CA 203 ? 1_555 O   ? G HOH . ? A HOH 122 ? 1_555 115.2 ? 
2  OP2 ? A G   5 ? A G   5   ? 1_555 CA ? D CA . ? A CA 203 ? 1_555 O   ? G HOH . ? A HOH 134 ? 1_555 91.4  ? 
3  O   ? G HOH . ? A HOH 122 ? 1_555 CA ? D CA . ? A CA 203 ? 1_555 O   ? G HOH . ? A HOH 134 ? 1_555 90.9  ? 
4  OP2 ? A G   5 ? A G   5   ? 1_555 CA ? D CA . ? A CA 203 ? 1_555 O   ? G HOH . ? A HOH 135 ? 1_555 86.8  ? 
5  O   ? G HOH . ? A HOH 122 ? 1_555 CA ? D CA . ? A CA 203 ? 1_555 O   ? G HOH . ? A HOH 135 ? 1_555 139.1 ? 
6  O   ? G HOH . ? A HOH 134 ? 1_555 CA ? D CA . ? A CA 203 ? 1_555 O   ? G HOH . ? A HOH 135 ? 1_555 52.7  ? 
7  OP2 ? A G   5 ? A G   5   ? 1_555 CA ? D CA . ? A CA 203 ? 1_555 O   ? G HOH . ? A HOH 137 ? 1_555 165.1 ? 
8  O   ? G HOH . ? A HOH 122 ? 1_555 CA ? D CA . ? A CA 203 ? 1_555 O   ? G HOH . ? A HOH 137 ? 1_555 79.7  ? 
9  O   ? G HOH . ? A HOH 134 ? 1_555 CA ? D CA . ? A CA 203 ? 1_555 O   ? G HOH . ? A HOH 137 ? 1_555 88.4  ? 
10 O   ? G HOH . ? A HOH 135 ? 1_555 CA ? D CA . ? A CA 203 ? 1_555 O   ? G HOH . ? A HOH 137 ? 1_555 81.2  ? 
11 OP2 ? A G   5 ? A G   5   ? 1_555 CA ? D CA . ? A CA 203 ? 1_555 O   ? G HOH . ? A HOH 152 ? 1_555 82.9  ? 
12 O   ? G HOH . ? A HOH 122 ? 1_555 CA ? D CA . ? A CA 203 ? 1_555 O   ? G HOH . ? A HOH 152 ? 1_555 148.7 ? 
13 O   ? G HOH . ? A HOH 134 ? 1_555 CA ? D CA . ? A CA 203 ? 1_555 O   ? G HOH . ? A HOH 152 ? 1_555 115.0 ? 
14 O   ? G HOH . ? A HOH 135 ? 1_555 CA ? D CA . ? A CA 203 ? 1_555 O   ? G HOH . ? A HOH 152 ? 1_555 62.4  ? 
15 O   ? G HOH . ? A HOH 137 ? 1_555 CA ? D CA . ? A CA 203 ? 1_555 O   ? G HOH . ? A HOH 152 ? 1_555 83.7  ? 
16 OP2 ? A U   7 ? A U   7   ? 1_555 CA ? E CA . ? A CA 204 ? 1_555 OP2 ? A U   9 ? A U   9   ? 1_555 87.1  ? 
17 OP2 ? A U   7 ? A U   7   ? 1_555 CA ? E CA . ? A CA 204 ? 1_555 O   ? G HOH . ? A HOH 110 ? 1_555 154.1 ? 
18 OP2 ? A U   9 ? A U   9   ? 1_555 CA ? E CA . ? A CA 204 ? 1_555 O   ? G HOH . ? A HOH 110 ? 1_555 92.9  ? 
19 OP2 ? A U   7 ? A U   7   ? 1_555 CA ? E CA . ? A CA 204 ? 1_555 O   ? G HOH . ? A HOH 111 ? 1_555 73.8  ? 
20 OP2 ? A U   9 ? A U   9   ? 1_555 CA ? E CA . ? A CA 204 ? 1_555 O   ? G HOH . ? A HOH 111 ? 1_555 85.5  ? 
21 O   ? G HOH . ? A HOH 110 ? 1_555 CA ? E CA . ? A CA 204 ? 1_555 O   ? G HOH . ? A HOH 111 ? 1_555 80.3  ? 
22 OP2 ? A U   7 ? A U   7   ? 1_555 CA ? E CA . ? A CA 204 ? 1_555 O   ? G HOH . ? A HOH 112 ? 1_555 133.0 ? 
23 OP2 ? A U   9 ? A U   9   ? 1_555 CA ? E CA . ? A CA 204 ? 1_555 O   ? G HOH . ? A HOH 112 ? 1_555 107.0 ? 
24 O   ? G HOH . ? A HOH 110 ? 1_555 CA ? E CA . ? A CA 204 ? 1_555 O   ? G HOH . ? A HOH 112 ? 1_555 71.6  ? 
25 O   ? G HOH . ? A HOH 111 ? 1_555 CA ? E CA . ? A CA 204 ? 1_555 O   ? G HOH . ? A HOH 112 ? 1_555 149.6 ? 
26 OP2 ? A U   7 ? A U   7   ? 1_555 CA ? E CA . ? A CA 204 ? 1_555 O   ? G HOH . ? A HOH 113 ? 1_555 86.1  ? 
27 OP2 ? A U   9 ? A U   9   ? 1_555 CA ? E CA . ? A CA 204 ? 1_555 O   ? G HOH . ? A HOH 113 ? 1_555 166.9 ? 
28 O   ? G HOH . ? A HOH 110 ? 1_555 CA ? E CA . ? A CA 204 ? 1_555 O   ? G HOH . ? A HOH 113 ? 1_555 88.4  ? 
29 O   ? G HOH . ? A HOH 111 ? 1_555 CA ? E CA . ? A CA 204 ? 1_555 O   ? G HOH . ? A HOH 113 ? 1_555 81.9  ? 
30 O   ? G HOH . ? A HOH 112 ? 1_555 CA ? E CA . ? A CA 204 ? 1_555 O   ? G HOH . ? A HOH 113 ? 1_555 85.8  ? 
31 OP2 ? A U   7 ? A U   7   ? 1_555 CA ? E CA . ? A CA 204 ? 1_555 O   ? G HOH . ? A HOH 129 ? 1_555 79.5  ? 
32 OP2 ? A U   9 ? A U   9   ? 1_555 CA ? E CA . ? A CA 204 ? 1_555 O   ? G HOH . ? A HOH 129 ? 1_555 75.2  ? 
33 O   ? G HOH . ? A HOH 110 ? 1_555 CA ? E CA . ? A CA 204 ? 1_555 O   ? G HOH . ? A HOH 129 ? 1_555 125.6 ? 
34 O   ? G HOH . ? A HOH 111 ? 1_555 CA ? E CA . ? A CA 204 ? 1_555 O   ? G HOH . ? A HOH 129 ? 1_555 147.7 ? 
35 O   ? G HOH . ? A HOH 112 ? 1_555 CA ? E CA . ? A CA 204 ? 1_555 O   ? G HOH . ? A HOH 129 ? 1_555 62.5  ? 
36 O   ? G HOH . ? A HOH 113 ? 1_555 CA ? E CA . ? A CA 204 ? 1_555 O   ? G HOH . ? A HOH 129 ? 1_555 114.4 ? 
37 OP2 ? A C   8 ? A C   8   ? 1_555 CA ? C CA . ? A CA 201 ? 1_555 O   ? G HOH . ? A HOH 108 ? 1_555 82.0  ? 
38 OP2 ? A C   8 ? A C   8   ? 1_555 CA ? C CA . ? A CA 201 ? 1_555 O   ? G HOH . ? A HOH 109 ? 1_555 89.3  ? 
39 O   ? G HOH . ? A HOH 108 ? 1_555 CA ? C CA . ? A CA 201 ? 1_555 O   ? G HOH . ? A HOH 109 ? 1_555 153.0 ? 
40 O   ? G HOH . ? A HOH 102 ? 1_555 CA ? F CA . ? A CA 205 ? 1_555 O   ? G HOH . ? A HOH 103 ? 1_555 92.6  ? 
41 O   ? G HOH . ? A HOH 102 ? 1_555 CA ? F CA . ? A CA 205 ? 1_555 O   ? G HOH . ? A HOH 104 ? 1_555 83.9  ? 
42 O   ? G HOH . ? A HOH 103 ? 1_555 CA ? F CA . ? A CA 205 ? 1_555 O   ? G HOH . ? A HOH 104 ? 1_555 81.6  ? 
43 O   ? G HOH . ? A HOH 102 ? 1_555 CA ? F CA . ? A CA 205 ? 1_555 O   ? G HOH . ? A HOH 106 ? 1_555 87.1  ? 
44 O   ? G HOH . ? A HOH 103 ? 1_555 CA ? F CA . ? A CA 205 ? 1_555 O   ? G HOH . ? A HOH 106 ? 1_555 179.2 ? 
45 O   ? G HOH . ? A HOH 104 ? 1_555 CA ? F CA . ? A CA 205 ? 1_555 O   ? G HOH . ? A HOH 106 ? 1_555 99.2  ? 
# 
loop_
_struct_site.id 
_struct_site.pdbx_evidence_code 
_struct_site.pdbx_auth_asym_id 
_struct_site.pdbx_auth_comp_id 
_struct_site.pdbx_auth_seq_id 
_struct_site.pdbx_auth_ins_code 
_struct_site.pdbx_num_residues 
_struct_site.details 
AC1 Software A PRF 301 ? 9  'BINDING SITE FOR RESIDUE PRF A 301' 
AC2 Software A CA  201 ? 7  'BINDING SITE FOR RESIDUE CA A 201'  
AC3 Software A CA  203 ? 6  'BINDING SITE FOR RESIDUE CA A 203'  
AC4 Software A CA  204 ? 7  'BINDING SITE FOR RESIDUE CA A 204'  
AC5 Software A CA  205 ? 10 'BINDING SITE FOR RESIDUE CA A 205'  
# 
loop_
_struct_site_gen.id 
_struct_site_gen.site_id 
_struct_site_gen.pdbx_num_res 
_struct_site_gen.label_comp_id 
_struct_site_gen.label_asym_id 
_struct_site_gen.label_seq_id 
_struct_site_gen.pdbx_auth_ins_code 
_struct_site_gen.auth_comp_id 
_struct_site_gen.auth_asym_id 
_struct_site_gen.auth_seq_id 
_struct_site_gen.label_atom_id 
_struct_site_gen.label_alt_id 
_struct_site_gen.symmetry 
_struct_site_gen.details 
1  AC1 9  G   A 5  ? G   A 5   . ? 1_555  ? 
2  AC1 9  U   A 6  ? U   A 6   . ? 1_555  ? 
3  AC1 9  G   A 11 ? G   A 11  . ? 1_555  ? 
4  AC1 9  C   A 12 ? C   A 12  . ? 1_555  ? 
5  AC1 9  C   A 17 ? C   A 17  . ? 1_555  ? 
6  AC1 9  C   A 18 ? C   A 18  . ? 1_555  ? 
7  AC1 9  A   A 30 ? A   A 30  . ? 1_555  ? 
8  AC1 9  C   A 31 ? C   A 31  . ? 1_555  ? 
9  AC1 9  HOH G .  ? HOH A 134 . ? 1_555  ? 
10 AC2 7  C   A 8  ? C   A 8   . ? 1_555  ? 
11 AC2 7  A   A 33 ? A   A 33  . ? 11_445 ? 
12 AC2 7  HOH G .  ? HOH A 108 . ? 1_555  ? 
13 AC2 7  HOH G .  ? HOH A 109 . ? 1_555  ? 
14 AC2 7  HOH G .  ? HOH A 155 . ? 1_555  ? 
15 AC2 7  HOH G .  ? HOH A 163 . ? 11_445 ? 
16 AC2 7  HOH G .  ? HOH A 202 . ? 11_445 ? 
17 AC3 6  G   A 5  ? G   A 5   . ? 1_555  ? 
18 AC3 6  HOH G .  ? HOH A 122 . ? 1_555  ? 
19 AC3 6  HOH G .  ? HOH A 134 . ? 1_555  ? 
20 AC3 6  HOH G .  ? HOH A 135 . ? 1_555  ? 
21 AC3 6  HOH G .  ? HOH A 137 . ? 1_555  ? 
22 AC3 6  HOH G .  ? HOH A 152 . ? 1_555  ? 
23 AC4 7  U   A 7  ? U   A 7   . ? 1_555  ? 
24 AC4 7  U   A 9  ? U   A 9   . ? 1_555  ? 
25 AC4 7  HOH G .  ? HOH A 110 . ? 1_555  ? 
26 AC4 7  HOH G .  ? HOH A 111 . ? 1_555  ? 
27 AC4 7  HOH G .  ? HOH A 112 . ? 1_555  ? 
28 AC4 7  HOH G .  ? HOH A 113 . ? 1_555  ? 
29 AC4 7  HOH G .  ? HOH A 129 . ? 1_555  ? 
30 AC5 10 HOH G .  ? HOH A 102 . ? 11_445 ? 
31 AC5 10 HOH G .  ? HOH A 102 . ? 1_555  ? 
32 AC5 10 HOH G .  ? HOH A 103 . ? 1_555  ? 
33 AC5 10 HOH G .  ? HOH A 103 . ? 11_445 ? 
34 AC5 10 HOH G .  ? HOH A 104 . ? 1_555  ? 
35 AC5 10 HOH G .  ? HOH A 104 . ? 11_445 ? 
36 AC5 10 HOH G .  ? HOH A 105 . ? 11_445 ? 
37 AC5 10 HOH G .  ? HOH A 105 . ? 1_555  ? 
38 AC5 10 HOH G .  ? HOH A 106 . ? 1_555  ? 
39 AC5 10 HOH G .  ? HOH A 106 . ? 11_445 ? 
# 
loop_
_pdbx_validate_rmsd_angle.id 
_pdbx_validate_rmsd_angle.PDB_model_num 
_pdbx_validate_rmsd_angle.auth_atom_id_1 
_pdbx_validate_rmsd_angle.auth_asym_id_1 
_pdbx_validate_rmsd_angle.auth_comp_id_1 
_pdbx_validate_rmsd_angle.auth_seq_id_1 
_pdbx_validate_rmsd_angle.PDB_ins_code_1 
_pdbx_validate_rmsd_angle.label_alt_id_1 
_pdbx_validate_rmsd_angle.auth_atom_id_2 
_pdbx_validate_rmsd_angle.auth_asym_id_2 
_pdbx_validate_rmsd_angle.auth_comp_id_2 
_pdbx_validate_rmsd_angle.auth_seq_id_2 
_pdbx_validate_rmsd_angle.PDB_ins_code_2 
_pdbx_validate_rmsd_angle.label_alt_id_2 
_pdbx_validate_rmsd_angle.auth_atom_id_3 
_pdbx_validate_rmsd_angle.auth_asym_id_3 
_pdbx_validate_rmsd_angle.auth_comp_id_3 
_pdbx_validate_rmsd_angle.auth_seq_id_3 
_pdbx_validate_rmsd_angle.PDB_ins_code_3 
_pdbx_validate_rmsd_angle.label_alt_id_3 
_pdbx_validate_rmsd_angle.angle_value 
_pdbx_validate_rmsd_angle.angle_target_value 
_pdbx_validate_rmsd_angle.angle_deviation 
_pdbx_validate_rmsd_angle.angle_standard_deviation 
_pdbx_validate_rmsd_angle.linker_flag 
1 1 "C2'" A A 23 ? ? "C3'" A A 23 ? ? "O3'" A A 23 ? ? 125.03 113.70 11.33 1.60 N 
2 1 "C2'" A A 29 ? ? "C3'" A A 29 ? ? "O3'" A A 29 ? ? 126.11 113.70 12.41 1.60 N 
# 
loop_
_pdbx_struct_special_symmetry.id 
_pdbx_struct_special_symmetry.PDB_model_num 
_pdbx_struct_special_symmetry.auth_asym_id 
_pdbx_struct_special_symmetry.auth_comp_id 
_pdbx_struct_special_symmetry.auth_seq_id 
_pdbx_struct_special_symmetry.PDB_ins_code 
_pdbx_struct_special_symmetry.label_asym_id 
_pdbx_struct_special_symmetry.label_comp_id 
_pdbx_struct_special_symmetry.label_seq_id 
1 1 A CA  205 ? F CA  . 
2 1 A HOH 103 ? G HOH . 
3 1 A HOH 106 ? G HOH . 
4 1 A HOH 167 ? G HOH . 
# 
loop_
_pdbx_unobs_or_zero_occ_residues.id 
_pdbx_unobs_or_zero_occ_residues.PDB_model_num 
_pdbx_unobs_or_zero_occ_residues.polymer_flag 
_pdbx_unobs_or_zero_occ_residues.occupancy_flag 
_pdbx_unobs_or_zero_occ_residues.auth_asym_id 
_pdbx_unobs_or_zero_occ_residues.auth_comp_id 
_pdbx_unobs_or_zero_occ_residues.auth_seq_id 
_pdbx_unobs_or_zero_occ_residues.PDB_ins_code 
_pdbx_unobs_or_zero_occ_residues.label_asym_id 
_pdbx_unobs_or_zero_occ_residues.label_comp_id 
_pdbx_unobs_or_zero_occ_residues.label_seq_id 
1 1 Y 1 A A 13 ? A A 13 
2 1 Y 1 A C 14 ? A C 14 
3 1 Y 1 A A 15 ? A A 15 
4 1 Y 1 A U 16 ? A U 16 
# 
loop_
_chem_comp_atom.comp_id 
_chem_comp_atom.atom_id 
_chem_comp_atom.type_symbol 
_chem_comp_atom.pdbx_aromatic_flag 
_chem_comp_atom.pdbx_stereo_config 
_chem_comp_atom.pdbx_ordinal 
A   OP3    O  N N 1   
A   P      P  N N 2   
A   OP1    O  N N 3   
A   OP2    O  N N 4   
A   "O5'"  O  N N 5   
A   "C5'"  C  N N 6   
A   "C4'"  C  N R 7   
A   "O4'"  O  N N 8   
A   "C3'"  C  N S 9   
A   "O3'"  O  N N 10  
A   "C2'"  C  N R 11  
A   "O2'"  O  N N 12  
A   "C1'"  C  N R 13  
A   N9     N  Y N 14  
A   C8     C  Y N 15  
A   N7     N  Y N 16  
A   C5     C  Y N 17  
A   C6     C  Y N 18  
A   N6     N  N N 19  
A   N1     N  Y N 20  
A   C2     C  Y N 21  
A   N3     N  Y N 22  
A   C4     C  Y N 23  
A   HOP3   H  N N 24  
A   HOP2   H  N N 25  
A   "H5'"  H  N N 26  
A   "H5''" H  N N 27  
A   "H4'"  H  N N 28  
A   "H3'"  H  N N 29  
A   "HO3'" H  N N 30  
A   "H2'"  H  N N 31  
A   "HO2'" H  N N 32  
A   "H1'"  H  N N 33  
A   H8     H  N N 34  
A   H61    H  N N 35  
A   H62    H  N N 36  
A   H2     H  N N 37  
C   OP3    O  N N 38  
C   P      P  N N 39  
C   OP1    O  N N 40  
C   OP2    O  N N 41  
C   "O5'"  O  N N 42  
C   "C5'"  C  N N 43  
C   "C4'"  C  N R 44  
C   "O4'"  O  N N 45  
C   "C3'"  C  N S 46  
C   "O3'"  O  N N 47  
C   "C2'"  C  N R 48  
C   "O2'"  O  N N 49  
C   "C1'"  C  N R 50  
C   N1     N  N N 51  
C   C2     C  N N 52  
C   O2     O  N N 53  
C   N3     N  N N 54  
C   C4     C  N N 55  
C   N4     N  N N 56  
C   C5     C  N N 57  
C   C6     C  N N 58  
C   HOP3   H  N N 59  
C   HOP2   H  N N 60  
C   "H5'"  H  N N 61  
C   "H5''" H  N N 62  
C   "H4'"  H  N N 63  
C   "H3'"  H  N N 64  
C   "HO3'" H  N N 65  
C   "H2'"  H  N N 66  
C   "HO2'" H  N N 67  
C   "H1'"  H  N N 68  
C   H41    H  N N 69  
C   H42    H  N N 70  
C   H5     H  N N 71  
C   H6     H  N N 72  
CA  CA     CA N N 73  
G   OP3    O  N N 74  
G   P      P  N N 75  
G   OP1    O  N N 76  
G   OP2    O  N N 77  
G   "O5'"  O  N N 78  
G   "C5'"  C  N N 79  
G   "C4'"  C  N R 80  
G   "O4'"  O  N N 81  
G   "C3'"  C  N S 82  
G   "O3'"  O  N N 83  
G   "C2'"  C  N R 84  
G   "O2'"  O  N N 85  
G   "C1'"  C  N R 86  
G   N9     N  Y N 87  
G   C8     C  Y N 88  
G   N7     N  Y N 89  
G   C5     C  Y N 90  
G   C6     C  N N 91  
G   O6     O  N N 92  
G   N1     N  N N 93  
G   C2     C  N N 94  
G   N2     N  N N 95  
G   N3     N  N N 96  
G   C4     C  Y N 97  
G   HOP3   H  N N 98  
G   HOP2   H  N N 99  
G   "H5'"  H  N N 100 
G   "H5''" H  N N 101 
G   "H4'"  H  N N 102 
G   "H3'"  H  N N 103 
G   "HO3'" H  N N 104 
G   "H2'"  H  N N 105 
G   "HO2'" H  N N 106 
G   "H1'"  H  N N 107 
G   H8     H  N N 108 
G   H1     H  N N 109 
G   H21    H  N N 110 
G   H22    H  N N 111 
HOH O      O  N N 112 
HOH H1     H  N N 113 
HOH H2     H  N N 114 
PRF N1     N  N N 115 
PRF C2     C  N N 116 
PRF N3     N  N N 117 
PRF C4     C  Y N 118 
PRF C5     C  Y N 119 
PRF C6     C  N N 120 
PRF O6     O  N N 121 
PRF C7     C  Y N 122 
PRF C10    C  N N 123 
PRF N11    N  N N 124 
PRF C8     C  Y N 125 
PRF N9     N  Y N 126 
PRF N2     N  N N 127 
PRF H91    H  N N 128 
PRF H101   H  N N 129 
PRF H102   H  N N 130 
PRF H111   H  N N 131 
PRF H112   H  N N 132 
PRF H81    H  N N 133 
PRF HN91   H  N N 134 
PRF HN21   H  N N 135 
PRF HN22   H  N N 136 
U   OP3    O  N N 137 
U   P      P  N N 138 
U   OP1    O  N N 139 
U   OP2    O  N N 140 
U   "O5'"  O  N N 141 
U   "C5'"  C  N N 142 
U   "C4'"  C  N R 143 
U   "O4'"  O  N N 144 
U   "C3'"  C  N S 145 
U   "O3'"  O  N N 146 
U   "C2'"  C  N R 147 
U   "O2'"  O  N N 148 
U   "C1'"  C  N R 149 
U   N1     N  N N 150 
U   C2     C  N N 151 
U   O2     O  N N 152 
U   N3     N  N N 153 
U   C4     C  N N 154 
U   O4     O  N N 155 
U   C5     C  N N 156 
U   C6     C  N N 157 
U   HOP3   H  N N 158 
U   HOP2   H  N N 159 
U   "H5'"  H  N N 160 
U   "H5''" H  N N 161 
U   "H4'"  H  N N 162 
U   "H3'"  H  N N 163 
U   "HO3'" H  N N 164 
U   "H2'"  H  N N 165 
U   "HO2'" H  N N 166 
U   "H1'"  H  N N 167 
U   H3     H  N N 168 
U   H5     H  N N 169 
U   H6     H  N N 170 
# 
loop_
_chem_comp_bond.comp_id 
_chem_comp_bond.atom_id_1 
_chem_comp_bond.atom_id_2 
_chem_comp_bond.value_order 
_chem_comp_bond.pdbx_aromatic_flag 
_chem_comp_bond.pdbx_stereo_config 
_chem_comp_bond.pdbx_ordinal 
A   OP3   P      sing N N 1   
A   OP3   HOP3   sing N N 2   
A   P     OP1    doub N N 3   
A   P     OP2    sing N N 4   
A   P     "O5'"  sing N N 5   
A   OP2   HOP2   sing N N 6   
A   "O5'" "C5'"  sing N N 7   
A   "C5'" "C4'"  sing N N 8   
A   "C5'" "H5'"  sing N N 9   
A   "C5'" "H5''" sing N N 10  
A   "C4'" "O4'"  sing N N 11  
A   "C4'" "C3'"  sing N N 12  
A   "C4'" "H4'"  sing N N 13  
A   "O4'" "C1'"  sing N N 14  
A   "C3'" "O3'"  sing N N 15  
A   "C3'" "C2'"  sing N N 16  
A   "C3'" "H3'"  sing N N 17  
A   "O3'" "HO3'" sing N N 18  
A   "C2'" "O2'"  sing N N 19  
A   "C2'" "C1'"  sing N N 20  
A   "C2'" "H2'"  sing N N 21  
A   "O2'" "HO2'" sing N N 22  
A   "C1'" N9     sing N N 23  
A   "C1'" "H1'"  sing N N 24  
A   N9    C8     sing Y N 25  
A   N9    C4     sing Y N 26  
A   C8    N7     doub Y N 27  
A   C8    H8     sing N N 28  
A   N7    C5     sing Y N 29  
A   C5    C6     sing Y N 30  
A   C5    C4     doub Y N 31  
A   C6    N6     sing N N 32  
A   C6    N1     doub Y N 33  
A   N6    H61    sing N N 34  
A   N6    H62    sing N N 35  
A   N1    C2     sing Y N 36  
A   C2    N3     doub Y N 37  
A   C2    H2     sing N N 38  
A   N3    C4     sing Y N 39  
C   OP3   P      sing N N 40  
C   OP3   HOP3   sing N N 41  
C   P     OP1    doub N N 42  
C   P     OP2    sing N N 43  
C   P     "O5'"  sing N N 44  
C   OP2   HOP2   sing N N 45  
C   "O5'" "C5'"  sing N N 46  
C   "C5'" "C4'"  sing N N 47  
C   "C5'" "H5'"  sing N N 48  
C   "C5'" "H5''" sing N N 49  
C   "C4'" "O4'"  sing N N 50  
C   "C4'" "C3'"  sing N N 51  
C   "C4'" "H4'"  sing N N 52  
C   "O4'" "C1'"  sing N N 53  
C   "C3'" "O3'"  sing N N 54  
C   "C3'" "C2'"  sing N N 55  
C   "C3'" "H3'"  sing N N 56  
C   "O3'" "HO3'" sing N N 57  
C   "C2'" "O2'"  sing N N 58  
C   "C2'" "C1'"  sing N N 59  
C   "C2'" "H2'"  sing N N 60  
C   "O2'" "HO2'" sing N N 61  
C   "C1'" N1     sing N N 62  
C   "C1'" "H1'"  sing N N 63  
C   N1    C2     sing N N 64  
C   N1    C6     sing N N 65  
C   C2    O2     doub N N 66  
C   C2    N3     sing N N 67  
C   N3    C4     doub N N 68  
C   C4    N4     sing N N 69  
C   C4    C5     sing N N 70  
C   N4    H41    sing N N 71  
C   N4    H42    sing N N 72  
C   C5    C6     doub N N 73  
C   C5    H5     sing N N 74  
C   C6    H6     sing N N 75  
G   OP3   P      sing N N 76  
G   OP3   HOP3   sing N N 77  
G   P     OP1    doub N N 78  
G   P     OP2    sing N N 79  
G   P     "O5'"  sing N N 80  
G   OP2   HOP2   sing N N 81  
G   "O5'" "C5'"  sing N N 82  
G   "C5'" "C4'"  sing N N 83  
G   "C5'" "H5'"  sing N N 84  
G   "C5'" "H5''" sing N N 85  
G   "C4'" "O4'"  sing N N 86  
G   "C4'" "C3'"  sing N N 87  
G   "C4'" "H4'"  sing N N 88  
G   "O4'" "C1'"  sing N N 89  
G   "C3'" "O3'"  sing N N 90  
G   "C3'" "C2'"  sing N N 91  
G   "C3'" "H3'"  sing N N 92  
G   "O3'" "HO3'" sing N N 93  
G   "C2'" "O2'"  sing N N 94  
G   "C2'" "C1'"  sing N N 95  
G   "C2'" "H2'"  sing N N 96  
G   "O2'" "HO2'" sing N N 97  
G   "C1'" N9     sing N N 98  
G   "C1'" "H1'"  sing N N 99  
G   N9    C8     sing Y N 100 
G   N9    C4     sing Y N 101 
G   C8    N7     doub Y N 102 
G   C8    H8     sing N N 103 
G   N7    C5     sing Y N 104 
G   C5    C6     sing N N 105 
G   C5    C4     doub Y N 106 
G   C6    O6     doub N N 107 
G   C6    N1     sing N N 108 
G   N1    C2     sing N N 109 
G   N1    H1     sing N N 110 
G   C2    N2     sing N N 111 
G   C2    N3     doub N N 112 
G   N2    H21    sing N N 113 
G   N2    H22    sing N N 114 
G   N3    C4     sing N N 115 
HOH O     H1     sing N N 116 
HOH O     H2     sing N N 117 
PRF N1    C2     sing N N 118 
PRF N1    C6     sing N N 119 
PRF N1    H91    sing N N 120 
PRF C2    N3     doub N N 121 
PRF C2    N2     sing N N 122 
PRF N3    C4     sing N N 123 
PRF C4    C5     doub Y N 124 
PRF C4    N9     sing Y N 125 
PRF C5    C6     sing N N 126 
PRF C5    C7     sing Y N 127 
PRF C6    O6     doub N N 128 
PRF C7    C10    sing N N 129 
PRF C7    C8     doub Y N 130 
PRF C10   N11    sing N N 131 
PRF C10   H101   sing N N 132 
PRF C10   H102   sing N N 133 
PRF N11   H111   sing N N 134 
PRF N11   H112   sing N N 135 
PRF C8    N9     sing Y N 136 
PRF C8    H81    sing N N 137 
PRF N9    HN91   sing N N 138 
PRF N2    HN21   sing N N 139 
PRF N2    HN22   sing N N 140 
U   OP3   P      sing N N 141 
U   OP3   HOP3   sing N N 142 
U   P     OP1    doub N N 143 
U   P     OP2    sing N N 144 
U   P     "O5'"  sing N N 145 
U   OP2   HOP2   sing N N 146 
U   "O5'" "C5'"  sing N N 147 
U   "C5'" "C4'"  sing N N 148 
U   "C5'" "H5'"  sing N N 149 
U   "C5'" "H5''" sing N N 150 
U   "C4'" "O4'"  sing N N 151 
U   "C4'" "C3'"  sing N N 152 
U   "C4'" "H4'"  sing N N 153 
U   "O4'" "C1'"  sing N N 154 
U   "C3'" "O3'"  sing N N 155 
U   "C3'" "C2'"  sing N N 156 
U   "C3'" "H3'"  sing N N 157 
U   "O3'" "HO3'" sing N N 158 
U   "C2'" "O2'"  sing N N 159 
U   "C2'" "C1'"  sing N N 160 
U   "C2'" "H2'"  sing N N 161 
U   "O2'" "HO2'" sing N N 162 
U   "C1'" N1     sing N N 163 
U   "C1'" "H1'"  sing N N 164 
U   N1    C2     sing N N 165 
U   N1    C6     sing N N 166 
U   C2    O2     doub N N 167 
U   C2    N3     sing N N 168 
U   N3    C4     sing N N 169 
U   N3    H3     sing N N 170 
U   C4    O4     doub N N 171 
U   C4    C5     sing N N 172 
U   C5    C6     doub N N 173 
U   C5    H5     sing N N 174 
U   C6    H6     sing N N 175 
# 
loop_
_ndb_struct_conf_na.entry_id 
_ndb_struct_conf_na.feature 
3K1V 'double helix'         
3K1V 'a-form double helix'  
3K1V 'mismatched base pair' 
3K1V 'quadruple helix'      
# 
loop_
_ndb_struct_na_base_pair.model_number 
_ndb_struct_na_base_pair.i_label_asym_id 
_ndb_struct_na_base_pair.i_label_comp_id 
_ndb_struct_na_base_pair.i_label_seq_id 
_ndb_struct_na_base_pair.i_symmetry 
_ndb_struct_na_base_pair.j_label_asym_id 
_ndb_struct_na_base_pair.j_label_comp_id 
_ndb_struct_na_base_pair.j_label_seq_id 
_ndb_struct_na_base_pair.j_symmetry 
_ndb_struct_na_base_pair.shear 
_ndb_struct_na_base_pair.stretch 
_ndb_struct_na_base_pair.stagger 
_ndb_struct_na_base_pair.buckle 
_ndb_struct_na_base_pair.propeller 
_ndb_struct_na_base_pair.opening 
_ndb_struct_na_base_pair.pair_number 
_ndb_struct_na_base_pair.pair_name 
_ndb_struct_na_base_pair.i_auth_asym_id 
_ndb_struct_na_base_pair.i_auth_seq_id 
_ndb_struct_na_base_pair.i_PDB_ins_code 
_ndb_struct_na_base_pair.j_auth_asym_id 
_ndb_struct_na_base_pair.j_auth_seq_id 
_ndb_struct_na_base_pair.j_PDB_ins_code 
_ndb_struct_na_base_pair.hbond_type_28 
_ndb_struct_na_base_pair.hbond_type_12 
1 A A 1  1_555 A U 22 1_555 -0.573 -0.298 0.218  -8.521  6.546   0.611   1  A_A1:U22_A  A 1  ? A 22 ? 20 1 
1 A G 2  1_555 A C 21 1_555 0.136  -0.040 -0.066 -9.300  -22.487 4.037   2  A_G2:C21_A  A 2  ? A 21 ? 19 1 
1 A A 3  1_555 A U 20 1_555 0.065  -0.111 0.232  1.514   -8.817  4.939   3  A_A3:U20_A  A 3  ? A 20 ? 20 1 
1 A G 4  1_555 A C 19 1_555 -0.123 -0.006 0.100  -1.407  -5.409  0.576   4  A_G4:C19_A  A 4  ? A 19 ? 19 1 
1 A G 5  1_555 A C 18 1_555 -0.093 -0.088 -0.144 4.988   -12.397 -1.005  5  A_G5:C18_A  A 5  ? A 18 ? 19 1 
1 A U 6  1_555 A A 29 1_555 -0.631 3.340  0.765  -15.419 -18.747 -71.567 6  A_U6:A29_A  A 6  ? A 29 ? 23 3 
1 A A 30 1_555 A U 7  1_555 0.716  -3.898 -0.224 2.566   3.609   72.383  7  A_A30:U7_A  A 30 ? A 7  ? 23 3 
1 A C 31 1_555 A G 11 1_555 0.090  0.074  -0.077 12.735  -26.757 -0.259  8  A_C31:G11_A A 31 ? A 11 ? 19 1 
1 A U 32 1_555 A A 10 1_555 0.147  0.084  0.363  7.560   -14.660 3.474   9  A_U32:A10_A A 32 ? A 10 ? 20 1 
1 A A 33 1_555 A U 9  1_555 -0.312 0.039  -0.015 -2.797  -24.349 6.578   10 A_A33:U9_A  A 33 ? A 9  ? 20 1 
1 A A 34 1_555 A C 8  1_555 2.934  0.480  -0.429 -5.559  -14.926 -6.983  11 A_A34:C8_A  A 34 ? A 8  ? ?  ? 
# 
loop_
_ndb_struct_na_base_pair_step.model_number 
_ndb_struct_na_base_pair_step.i_label_asym_id_1 
_ndb_struct_na_base_pair_step.i_label_comp_id_1 
_ndb_struct_na_base_pair_step.i_label_seq_id_1 
_ndb_struct_na_base_pair_step.i_symmetry_1 
_ndb_struct_na_base_pair_step.j_label_asym_id_1 
_ndb_struct_na_base_pair_step.j_label_comp_id_1 
_ndb_struct_na_base_pair_step.j_label_seq_id_1 
_ndb_struct_na_base_pair_step.j_symmetry_1 
_ndb_struct_na_base_pair_step.i_label_asym_id_2 
_ndb_struct_na_base_pair_step.i_label_comp_id_2 
_ndb_struct_na_base_pair_step.i_label_seq_id_2 
_ndb_struct_na_base_pair_step.i_symmetry_2 
_ndb_struct_na_base_pair_step.j_label_asym_id_2 
_ndb_struct_na_base_pair_step.j_label_comp_id_2 
_ndb_struct_na_base_pair_step.j_label_seq_id_2 
_ndb_struct_na_base_pair_step.j_symmetry_2 
_ndb_struct_na_base_pair_step.shift 
_ndb_struct_na_base_pair_step.slide 
_ndb_struct_na_base_pair_step.rise 
_ndb_struct_na_base_pair_step.tilt 
_ndb_struct_na_base_pair_step.roll 
_ndb_struct_na_base_pair_step.twist 
_ndb_struct_na_base_pair_step.x_displacement 
_ndb_struct_na_base_pair_step.y_displacement 
_ndb_struct_na_base_pair_step.helical_rise 
_ndb_struct_na_base_pair_step.inclination 
_ndb_struct_na_base_pair_step.tip 
_ndb_struct_na_base_pair_step.helical_twist 
_ndb_struct_na_base_pair_step.step_number 
_ndb_struct_na_base_pair_step.step_name 
_ndb_struct_na_base_pair_step.i_auth_asym_id_1 
_ndb_struct_na_base_pair_step.i_auth_seq_id_1 
_ndb_struct_na_base_pair_step.i_PDB_ins_code_1 
_ndb_struct_na_base_pair_step.j_auth_asym_id_1 
_ndb_struct_na_base_pair_step.j_auth_seq_id_1 
_ndb_struct_na_base_pair_step.j_PDB_ins_code_1 
_ndb_struct_na_base_pair_step.i_auth_asym_id_2 
_ndb_struct_na_base_pair_step.i_auth_seq_id_2 
_ndb_struct_na_base_pair_step.i_PDB_ins_code_2 
_ndb_struct_na_base_pair_step.j_auth_asym_id_2 
_ndb_struct_na_base_pair_step.j_auth_seq_id_2 
_ndb_struct_na_base_pair_step.j_PDB_ins_code_2 
1 A A 1  1_555 A U 22 1_555 A G 2  1_555 A C 21 1_555 0.602  -1.078 3.282 4.980  11.044 35.342 -3.104 -0.302 2.885  17.566 -7.921  
37.298 1  AA_A1G2:C21U22_AA   A 1  ? A 22 ? A 2  ? A 21 ? 
1 A G 2  1_555 A C 21 1_555 A A 3  1_555 A U 20 1_555 0.098  -1.064 2.924 -1.889 -0.939 32.195 -1.764 -0.477 2.943  -1.691 3.401   
32.263 2  AA_G2A3:U20C21_AA   A 2  ? A 21 ? A 3  ? A 20 ? 
1 A A 3  1_555 A U 20 1_555 A G 4  1_555 A C 19 1_555 0.129  -1.682 3.342 1.083  7.240  27.277 -5.063 -0.023 2.814  15.012 -2.246  
28.225 3  AA_A3G4:C19U20_AA   A 3  ? A 20 ? A 4  ? A 19 ? 
1 A G 4  1_555 A C 19 1_555 A G 5  1_555 A C 18 1_555 -0.136 -1.613 3.257 4.695  0.034  33.563 -2.773 0.983  3.207  0.059  -8.081  
33.881 4  AA_G4G5:C18C19_AA   A 4  ? A 19 ? A 5  ? A 18 ? 
1 A G 5  1_555 A C 18 1_555 A U 6  1_555 A A 29 1_555 -6.651 -1.015 1.458 13.746 7.278  19.115 -1.847 14.601 -2.843 18.455 -34.855 
24.597 5  AA_G5U6:A29C18_AA   A 5  ? A 18 ? A 6  ? A 29 ? 
1 A U 6  1_555 A A 29 1_555 A A 30 1_555 A U 7  1_555 0.647  -0.402 3.230 6.853  3.805  31.685 -1.378 0.042  3.227  6.839  -12.316 
32.616 6  AA_U6A30:U7A29_AA   A 6  ? A 29 ? A 30 ? A 7  ? 
1 A A 30 1_555 A U 7  1_555 A C 31 1_555 A G 11 1_555 0.881  -3.007 2.704 -7.660 11.090 80.927 -2.509 -0.820 2.273  8.491  5.865   
81.851 7  AA_A30C31:G11U7_AA  A 30 ? A 7  ? A 31 ? A 11 ? 
1 A C 31 1_555 A G 11 1_555 A U 32 1_555 A A 10 1_555 0.040  -1.150 3.308 -5.916 9.839  35.242 -3.091 -0.832 2.853  15.743 9.465   
37.008 8  AA_C31U32:A10G11_AA A 31 ? A 11 ? A 32 ? A 10 ? 
1 A U 32 1_555 A A 10 1_555 A A 33 1_555 A U 9  1_555 -0.282 -1.375 3.120 0.935  18.403 32.863 -4.185 0.542  2.080  29.793 -1.514  
37.552 9  AA_U32A33:U9A10_AA  A 32 ? A 10 ? A 33 ? A 9  ? 
1 A A 33 1_555 A U 9  1_555 A A 34 1_555 A C 8  1_555 -0.733 -0.638 3.297 3.694  6.961  49.071 -1.265 1.140  3.125  8.319  -4.414  
49.661 10 AA_A33A34:C8U9_AA   A 33 ? A 9  ? A 34 ? A 8  ? 
# 
_atom_sites.entry_id                    3K1V 
_atom_sites.fract_transf_matrix[1][1]   0.00722344 
_atom_sites.fract_transf_matrix[1][2]   -0.00939214 
_atom_sites.fract_transf_matrix[1][3]   0.00925253 
_atom_sites.fract_transf_matrix[2][1]   -0.00591818 
_atom_sites.fract_transf_matrix[2][2]   -0.01344744 
_atom_sites.fract_transf_matrix[2][3]   0.00318318 
_atom_sites.fract_transf_matrix[3][1]   0.00562235 
_atom_sites.fract_transf_matrix[3][2]   -0.00462463 
_atom_sites.fract_transf_matrix[3][3]   -0.00908377 
_atom_sites.fract_transf_vector[1]      -0.241456 
_atom_sites.fract_transf_vector[2]      -0.097349 
_atom_sites.fract_transf_vector[3]      0.193410 
# 
loop_
_atom_type.symbol 
C  
CA 
N  
O  
P  
# 
loop_
_atom_site.group_PDB 
_atom_site.id 
_atom_site.type_symbol 
_atom_site.label_atom_id 
_atom_site.label_alt_id 
_atom_site.label_comp_id 
_atom_site.label_asym_id 
_atom_site.label_entity_id 
_atom_site.label_seq_id 
_atom_site.pdbx_PDB_ins_code 
_atom_site.Cartn_x 
_atom_site.Cartn_y 
_atom_site.Cartn_z 
_atom_site.occupancy 
_atom_site.B_iso_or_equiv 
_atom_site.pdbx_formal_charge 
_atom_site.auth_seq_id 
_atom_site.auth_comp_id 
_atom_site.auth_asym_id 
_atom_site.auth_atom_id 
_atom_site.pdbx_PDB_model_num 
ATOM   1   O  "O5'" . A   A 1 1  ? -10.977 -10.725 11.856  1.00 52.00 ? 1   A   A "O5'" 1 
ATOM   2   C  "C5'" . A   A 1 1  ? -11.485 -11.078 10.568  1.00 50.83 ? 1   A   A "C5'" 1 
ATOM   3   C  "C4'" . A   A 1 1  ? -10.600 -12.107 9.910   1.00 45.71 ? 1   A   A "C4'" 1 
ATOM   4   O  "O4'" . A   A 1 1  ? -11.188 -12.515 8.645   1.00 43.52 ? 1   A   A "O4'" 1 
ATOM   5   C  "C3'" . A   A 1 1  ? -9.204  -11.638 9.531   1.00 44.03 ? 1   A   A "C3'" 1 
ATOM   6   O  "O3'" . A   A 1 1  ? -8.326  -11.698 10.652  1.00 36.73 ? 1   A   A "O3'" 1 
ATOM   7   C  "C2'" . A   A 1 1  ? -8.824  -12.647 8.456   1.00 45.32 ? 1   A   A "C2'" 1 
ATOM   8   O  "O2'" . A   A 1 1  ? -8.433  -13.887 9.014   1.00 42.18 ? 1   A   A "O2'" 1 
ATOM   9   C  "C1'" . A   A 1 1  ? -10.159 -12.822 7.721   1.00 45.26 ? 1   A   A "C1'" 1 
ATOM   10  N  N9    . A   A 1 1  ? -10.321 -11.961 6.548   1.00 42.18 ? 1   A   A N9    1 
ATOM   11  C  C8    . A   A 1 1  ? -11.064 -10.809 6.444   1.00 47.73 ? 1   A   A C8    1 
ATOM   12  N  N7    . A   A 1 1  ? -11.028 -10.263 5.250   1.00 45.20 ? 1   A   A N7    1 
ATOM   13  C  C5    . A   A 1 1  ? -10.206 -11.111 4.520   1.00 41.61 ? 1   A   A C5    1 
ATOM   14  C  C6    . A   A 1 1  ? -9.768  -11.088 3.180   1.00 42.98 ? 1   A   A C6    1 
ATOM   15  N  N6    . A   A 1 1  ? -10.118 -10.147 2.295   1.00 37.41 ? 1   A   A N6    1 
ATOM   16  N  N1    . A   A 1 1  ? -8.948  -12.082 2.774   1.00 39.06 ? 1   A   A N1    1 
ATOM   17  C  C2    . A   A 1 1  ? -8.604  -13.030 3.655   1.00 38.88 ? 1   A   A C2    1 
ATOM   18  N  N3    . A   A 1 1  ? -8.951  -13.160 4.933   1.00 37.64 ? 1   A   A N3    1 
ATOM   19  C  C4    . A   A 1 1  ? -9.760  -12.158 5.309   1.00 36.00 ? 1   A   A C4    1 
ATOM   20  P  P     . G   A 1 2  ? -6.980  -10.808 10.672  1.00 35.20 ? 2   G   A P     1 
ATOM   21  O  OP1   . G   A 1 2  ? -6.271  -11.119 11.941  1.00 31.35 ? 2   G   A OP1   1 
ATOM   22  O  OP2   . G   A 1 2  ? -7.339  -9.404  10.355  1.00 36.46 ? 2   G   A OP2   1 
ATOM   23  O  "O5'" . G   A 1 2  ? -6.105  -11.373 9.468   1.00 31.62 ? 2   G   A "O5'" 1 
ATOM   24  C  "C5'" . G   A 1 2  ? -5.528  -12.670 9.540   1.00 20.93 ? 2   G   A "C5'" 1 
ATOM   25  C  "C4'" . G   A 1 2  ? -5.032  -13.104 8.180   1.00 29.96 ? 2   G   A "C4'" 1 
ATOM   26  O  "O4'" . G   A 1 2  ? -6.125  -13.087 7.216   1.00 25.52 ? 2   G   A "O4'" 1 
ATOM   27  C  "C3'" . G   A 1 2  ? -3.990  -12.209 7.532   1.00 22.67 ? 2   G   A "C3'" 1 
ATOM   28  O  "O3'" . G   A 1 2  ? -2.698  -12.466 8.052   1.00 22.53 ? 2   G   A "O3'" 1 
ATOM   29  C  "C2'" . G   A 1 2  ? -4.101  -12.632 6.076   1.00 25.53 ? 2   G   A "C2'" 1 
ATOM   30  O  "O2'" . G   A 1 2  ? -3.515  -13.893 5.836   1.00 30.08 ? 2   G   A "O2'" 1 
ATOM   31  C  "C1'" . G   A 1 2  ? -5.614  -12.760 5.930   1.00 22.54 ? 2   G   A "C1'" 1 
ATOM   32  N  N9    . G   A 1 2  ? -6.204  -11.500 5.488   1.00 31.02 ? 2   G   A N9    1 
ATOM   33  C  C8    . G   A 1 2  ? -6.846  -10.552 6.251   1.00 20.12 ? 2   G   A C8    1 
ATOM   34  N  N7    . G   A 1 2  ? -7.267  -9.531  5.548   1.00 26.62 ? 2   G   A N7    1 
ATOM   35  C  C5    . G   A 1 2  ? -6.874  -9.821  4.248   1.00 24.74 ? 2   G   A C5    1 
ATOM   36  C  C6    . G   A 1 2  ? -7.052  -9.086  3.040   1.00 30.45 ? 2   G   A C6    1 
ATOM   37  O  O6    . G   A 1 2  ? -7.609  -7.996  2.874   1.00 32.49 ? 2   G   A O6    1 
ATOM   38  N  N1    . G   A 1 2  ? -6.498  -9.751  1.950   1.00 29.79 ? 2   G   A N1    1 
ATOM   39  C  C2    . G   A 1 2  ? -5.857  -10.966 2.007   1.00 30.40 ? 2   G   A C2    1 
ATOM   40  N  N2    . G   A 1 2  ? -5.388  -11.449 0.844   1.00 17.61 ? 2   G   A N2    1 
ATOM   41  N  N3    . G   A 1 2  ? -5.687  -11.658 3.124   1.00 28.87 ? 2   G   A N3    1 
ATOM   42  C  C4    . G   A 1 2  ? -6.216  -11.031 4.195   1.00 29.48 ? 2   G   A C4    1 
ATOM   43  P  P     . A   A 1 3  ? -1.600  -11.291 8.069   1.00 23.59 ? 3   A   A P     1 
ATOM   44  O  OP1   . A   A 1 3  ? -0.490  -11.724 8.951   1.00 23.64 ? 3   A   A OP1   1 
ATOM   45  O  OP2   . A   A 1 3  ? -2.293  -10.011 8.342   1.00 30.45 ? 3   A   A OP2   1 
ATOM   46  O  "O5'" . A   A 1 3  ? -1.083  -11.238 6.565   1.00 24.97 ? 3   A   A "O5'" 1 
ATOM   47  C  "C5'" . A   A 1 3  ? -0.480  -12.376 5.961   1.00 32.12 ? 3   A   A "C5'" 1 
ATOM   48  C  "C4'" . A   A 1 3  ? -0.299  -12.143 4.481   1.00 29.47 ? 3   A   A "C4'" 1 
ATOM   49  O  "O4'" . A   A 1 3  ? -1.602  -12.066 3.839   1.00 31.10 ? 3   A   A "O4'" 1 
ATOM   50  C  "C3'" . A   A 1 3  ? 0.362   -10.828 4.102   1.00 26.35 ? 3   A   A "C3'" 1 
ATOM   51  O  "O3'" . A   A 1 3  ? 1.780   -10.877 4.217   1.00 29.55 ? 3   A   A "O3'" 1 
ATOM   52  C  "C2'" . A   A 1 3  ? -0.100  -10.665 2.665   1.00 21.90 ? 3   A   A "C2'" 1 
ATOM   53  O  "O2'" . A   A 1 3  ? 0.585   -11.532 1.787   1.00 32.68 ? 3   A   A "O2'" 1 
ATOM   54  C  "C1'" . A   A 1 3  ? -1.554  -11.117 2.782   1.00 28.34 ? 3   A   A "C1'" 1 
ATOM   55  N  N9    . A   A 1 3  ? -2.434  -9.999  3.118   1.00 20.96 ? 3   A   A N9    1 
ATOM   56  C  C8    . A   A 1 3  ? -2.862  -9.592  4.357   1.00 23.99 ? 3   A   A C8    1 
ATOM   57  N  N7    . A   A 1 3  ? -3.630  -8.529  4.328   1.00 25.59 ? 3   A   A N7    1 
ATOM   58  C  C5    . A   A 1 3  ? -3.718  -8.217  2.978   1.00 23.98 ? 3   A   A C5    1 
ATOM   59  C  C6    . A   A 1 3  ? -4.390  -7.194  2.279   1.00 28.26 ? 3   A   A C6    1 
ATOM   60  N  N6    . A   A 1 3  ? -5.132  -6.254  2.867   1.00 21.25 ? 3   A   A N6    1 
ATOM   61  N  N1    . A   A 1 3  ? -4.269  -7.169  0.933   1.00 33.83 ? 3   A   A N1    1 
ATOM   62  C  C2    . A   A 1 3  ? -3.525  -8.112  0.340   1.00 27.68 ? 3   A   A C2    1 
ATOM   63  N  N3    . A   A 1 3  ? -2.850  -9.120  0.885   1.00 24.00 ? 3   A   A N3    1 
ATOM   64  C  C4    . A   A 1 3  ? -2.988  -9.116  2.222   1.00 23.08 ? 3   A   A C4    1 
ATOM   65  P  P     . G   A 1 4  ? 2.572   -9.578  4.733   1.00 32.43 ? 4   G   A P     1 
ATOM   66  O  OP1   . G   A 1 4  ? 3.887   -10.011 5.263   1.00 38.73 ? 4   G   A OP1   1 
ATOM   67  O  OP2   . G   A 1 4  ? 1.641   -8.810  5.603   1.00 23.39 ? 4   G   A OP2   1 
ATOM   68  O  "O5'" . G   A 1 4  ? 2.795   -8.702  3.418   1.00 32.81 ? 4   G   A "O5'" 1 
ATOM   69  C  "C5'" . G   A 1 4  ? 3.313   -9.288  2.234   1.00 26.90 ? 4   G   A "C5'" 1 
ATOM   70  C  "C4'" . G   A 1 4  ? 2.847   -8.523  1.018   1.00 29.76 ? 4   G   A "C4'" 1 
ATOM   71  O  "O4'" . G   A 1 4  ? 1.398   -8.605  0.900   1.00 28.20 ? 4   G   A "O4'" 1 
ATOM   72  C  "C3'" . G   A 1 4  ? 3.096   -7.024  1.018   1.00 23.13 ? 4   G   A "C3'" 1 
ATOM   73  O  "O3'" . G   A 1 4  ? 4.438   -6.675  0.709   1.00 20.17 ? 4   G   A "O3'" 1 
ATOM   74  C  "C2'" . G   A 1 4  ? 2.127   -6.559  -0.062  1.00 26.17 ? 4   G   A "C2'" 1 
ATOM   75  O  "O2'" . G   A 1 4  ? 2.598   -6.793  -1.373  1.00 22.13 ? 4   G   A "O2'" 1 
ATOM   76  C  "C1'" . G   A 1 4  ? 0.915   -7.449  0.224   1.00 26.98 ? 4   G   A "C1'" 1 
ATOM   77  N  N9    . G   A 1 4  ? -0.029  -6.745  1.084   1.00 22.09 ? 4   G   A N9    1 
ATOM   78  C  C8    . G   A 1 4  ? -0.249  -6.933  2.429   1.00 28.96 ? 4   G   A C8    1 
ATOM   79  N  N7    . G   A 1 4  ? -1.129  -6.102  2.925   1.00 25.89 ? 4   G   A N7    1 
ATOM   80  C  C5    . G   A 1 4  ? -1.522  -5.330  1.839   1.00 26.25 ? 4   G   A C5    1 
ATOM   81  C  C6    . G   A 1 4  ? -2.450  -4.257  1.758   1.00 28.33 ? 4   G   A C6    1 
ATOM   82  O  O6    . G   A 1 4  ? -3.135  -3.759  2.656   1.00 36.02 ? 4   G   A O6    1 
ATOM   83  N  N1    . G   A 1 4  ? -2.540  -3.756  0.464   1.00 33.91 ? 4   G   A N1    1 
ATOM   84  C  C2    . G   A 1 4  ? -1.832  -4.221  -0.615  1.00 29.11 ? 4   G   A C2    1 
ATOM   85  N  N2    . G   A 1 4  ? -2.068  -3.608  -1.787  1.00 35.19 ? 4   G   A N2    1 
ATOM   86  N  N3    . G   A 1 4  ? -0.961  -5.215  -0.553  1.00 27.12 ? 4   G   A N3    1 
ATOM   87  C  C4    . G   A 1 4  ? -0.857  -5.719  0.695   1.00 26.59 ? 4   G   A C4    1 
ATOM   88  P  P     . G   A 1 5  ? 4.964   -5.188  1.045   1.00 24.25 ? 5   G   A P     1 
ATOM   89  O  OP1   . G   A 1 5  ? 6.436   -5.132  0.882   1.00 27.41 ? 5   G   A OP1   1 
ATOM   90  O  OP2   . G   A 1 5  ? 4.355   -4.789  2.340   1.00 26.39 ? 5   G   A OP2   1 
ATOM   91  O  "O5'" . G   A 1 5  ? 4.298   -4.283  -0.080  1.00 21.48 ? 5   G   A "O5'" 1 
ATOM   92  C  "C5'" . G   A 1 5  ? 4.564   -4.511  -1.457  1.00 17.73 ? 5   G   A "C5'" 1 
ATOM   93  C  "C4'" . G   A 1 5  ? 3.855   -3.477  -2.296  1.00 23.62 ? 5   G   A "C4'" 1 
ATOM   94  O  "O4'" . G   A 1 5  ? 2.423   -3.592  -2.085  1.00 25.69 ? 5   G   A "O4'" 1 
ATOM   95  C  "C3'" . G   A 1 5  ? 4.190   -2.034  -1.949  1.00 24.85 ? 5   G   A "C3'" 1 
ATOM   96  O  "O3'" . G   A 1 5  ? 5.359   -1.646  -2.663  1.00 24.99 ? 5   G   A "O3'" 1 
ATOM   97  C  "C2'" . G   A 1 5  ? 2.937   -1.289  -2.397  1.00 26.16 ? 5   G   A "C2'" 1 
ATOM   98  O  "O2'" . G   A 1 5  ? 2.903   -1.021  -3.784  1.00 27.82 ? 5   G   A "O2'" 1 
ATOM   99  C  "C1'" . G   A 1 5  ? 1.839   -2.300  -2.048  1.00 25.58 ? 5   G   A "C1'" 1 
ATOM   100 N  N9    . G   A 1 5  ? 1.266   -2.108  -0.722  1.00 18.67 ? 5   G   A N9    1 
ATOM   101 C  C8    . G   A 1 5  ? 1.706   -2.668  0.456   1.00 27.67 ? 5   G   A C8    1 
ATOM   102 N  N7    . G   A 1 5  ? 0.993   -2.317  1.490   1.00 15.34 ? 5   G   A N7    1 
ATOM   103 C  C5    . G   A 1 5  ? 0.024   -1.475  0.964   1.00 24.64 ? 5   G   A C5    1 
ATOM   104 C  C6    . G   A 1 5  ? -1.022  -0.774  1.604   1.00 27.35 ? 5   G   A C6    1 
ATOM   105 O  O6    . G   A 1 5  ? -1.313  -0.763  2.801   1.00 18.21 ? 5   G   A O6    1 
ATOM   106 N  N1    . G   A 1 5  ? -1.763  -0.019  0.698   1.00 31.42 ? 5   G   A N1    1 
ATOM   107 C  C2    . G   A 1 5  ? -1.526  0.049   -0.654  1.00 24.66 ? 5   G   A C2    1 
ATOM   108 N  N2    . G   A 1 5  ? -2.350  0.831   -1.365  1.00 24.15 ? 5   G   A N2    1 
ATOM   109 N  N3    . G   A 1 5  ? -0.554  -0.604  -1.264  1.00 29.19 ? 5   G   A N3    1 
ATOM   110 C  C4    . G   A 1 5  ? 0.181   -1.338  -0.401  1.00 19.81 ? 5   G   A C4    1 
ATOM   111 P  P     . U   A 1 6  ? 6.157   -0.309  -2.259  1.00 26.53 ? 6   U   A P     1 
ATOM   112 O  OP1   . U   A 1 6  ? 7.607   -0.614  -2.299  1.00 19.81 ? 6   U   A OP1   1 
ATOM   113 O  OP2   . U   A 1 6  ? 5.561   0.288   -1.037  1.00 22.10 ? 6   U   A OP2   1 
ATOM   114 O  "O5'" . U   A 1 6  ? 5.861   0.664   -3.479  1.00 32.05 ? 6   U   A "O5'" 1 
ATOM   115 C  "C5'" . U   A 1 6  ? 6.215   0.283   -4.798  1.00 21.50 ? 6   U   A "C5'" 1 
ATOM   116 C  "C4'" . U   A 1 6  ? 5.581   1.215   -5.795  1.00 25.30 ? 6   U   A "C4'" 1 
ATOM   117 O  "O4'" . U   A 1 6  ? 4.143   1.026   -5.821  1.00 25.16 ? 6   U   A "O4'" 1 
ATOM   118 C  "C3'" . U   A 1 6  ? 5.748   2.689   -5.483  1.00 17.02 ? 6   U   A "C3'" 1 
ATOM   119 O  "O3'" . U   A 1 6  ? 7.020   3.137   -5.914  1.00 28.43 ? 6   U   A "O3'" 1 
ATOM   120 C  "C2'" . U   A 1 6  ? 4.626   3.304   -6.299  1.00 26.56 ? 6   U   A "C2'" 1 
ATOM   121 O  "O2'" . U   A 1 6  ? 4.980   3.379   -7.661  1.00 26.10 ? 6   U   A "O2'" 1 
ATOM   122 C  "C1'" . U   A 1 6  ? 3.514   2.264   -6.113  1.00 29.41 ? 6   U   A "C1'" 1 
ATOM   123 N  N1    . U   A 1 6  ? 2.590   2.585   -5.016  1.00 26.94 ? 6   U   A N1    1 
ATOM   124 C  C2    . U   A 1 6  ? 1.514   3.389   -5.314  1.00 25.36 ? 6   U   A C2    1 
ATOM   125 O  O2    . U   A 1 6  ? 1.326   3.848   -6.425  1.00 21.71 ? 6   U   A O2    1 
ATOM   126 N  N3    . U   A 1 6  ? 0.664   3.634   -4.264  1.00 24.05 ? 6   U   A N3    1 
ATOM   127 C  C4    . U   A 1 6  ? 0.787   3.170   -2.971  1.00 27.96 ? 6   U   A C4    1 
ATOM   128 O  O4    . U   A 1 6  ? -0.071  3.462   -2.139  1.00 26.00 ? 6   U   A O4    1 
ATOM   129 C  C5    . U   A 1 6  ? 1.939   2.353   -2.739  1.00 23.93 ? 6   U   A C5    1 
ATOM   130 C  C6    . U   A 1 6  ? 2.782   2.095   -3.745  1.00 24.95 ? 6   U   A C6    1 
ATOM   131 P  P     . U   A 1 7  ? 7.802   4.243   -5.056  1.00 26.79 ? 7   U   A P     1 
ATOM   132 O  OP1   . U   A 1 7  ? 9.206   4.289   -5.539  1.00 31.12 ? 7   U   A OP1   1 
ATOM   133 O  OP2   . U   A 1 7  ? 7.527   3.969   -3.622  1.00 24.64 ? 7   U   A OP2   1 
ATOM   134 O  "O5'" . U   A 1 7  ? 7.087   5.598   -5.480  1.00 29.92 ? 7   U   A "O5'" 1 
ATOM   135 C  "C5'" . U   A 1 7  ? 7.218   6.090   -6.810  1.00 31.81 ? 7   U   A "C5'" 1 
ATOM   136 C  "C4'" . U   A 1 7  ? 6.314   7.274   -7.014  1.00 33.93 ? 7   U   A "C4'" 1 
ATOM   137 O  "O4'" . U   A 1 7  ? 4.931   6.836   -6.968  1.00 28.50 ? 7   U   A "O4'" 1 
ATOM   138 C  "C3'" . U   A 1 7  ? 6.398   8.327   -5.925  1.00 32.56 ? 7   U   A "C3'" 1 
ATOM   139 O  "O3'" . U   A 1 7  ? 7.511   9.197   -6.114  1.00 25.88 ? 7   U   A "O3'" 1 
ATOM   140 C  "C2'" . U   A 1 7  ? 5.052   9.026   -6.065  1.00 31.26 ? 7   U   A "C2'" 1 
ATOM   141 O  "O2'" . U   A 1 7  ? 5.001   9.946   -7.137  1.00 34.52 ? 7   U   A "O2'" 1 
ATOM   142 C  "C1'" . U   A 1 7  ? 4.132   7.842   -6.373  1.00 25.48 ? 7   U   A "C1'" 1 
ATOM   143 N  N1    . U   A 1 7  ? 3.515   7.292   -5.159  1.00 24.80 ? 7   U   A N1    1 
ATOM   144 C  C2    . U   A 1 7  ? 2.248   7.731   -4.840  1.00 25.06 ? 7   U   A C2    1 
ATOM   145 O  O2    . U   A 1 7  ? 1.633   8.532   -5.525  1.00 25.36 ? 7   U   A O2    1 
ATOM   146 N  N3    . U   A 1 7  ? 1.726   7.205   -3.683  1.00 21.16 ? 7   U   A N3    1 
ATOM   147 C  C4    . U   A 1 7  ? 2.335   6.312   -2.830  1.00 24.20 ? 7   U   A C4    1 
ATOM   148 O  O4    . U   A 1 7  ? 1.743   5.955   -1.811  1.00 16.84 ? 7   U   A O4    1 
ATOM   149 C  C5    . U   A 1 7  ? 3.649   5.901   -3.231  1.00 14.90 ? 7   U   A C5    1 
ATOM   150 C  C6    . U   A 1 7  ? 4.177   6.389   -4.358  1.00 22.20 ? 7   U   A C6    1 
ATOM   151 P  P     . C   A 1 8  ? 8.161   9.930   -4.845  1.00 30.55 ? 8   C   A P     1 
ATOM   152 O  OP1   . C   A 1 8  ? 7.037   10.401  -4.002  1.00 29.28 ? 8   C   A OP1   1 
ATOM   153 O  OP2   . C   A 1 8  ? 9.164   10.901  -5.342  1.00 34.13 ? 8   C   A OP2   1 
ATOM   154 O  "O5'" . C   A 1 8  ? 8.934   8.781   -4.047  1.00 29.86 ? 8   C   A "O5'" 1 
ATOM   155 C  "C5'" . C   A 1 8  ? 10.137  8.218   -4.563  1.00 23.87 ? 8   C   A "C5'" 1 
ATOM   156 C  "C4'" . C   A 1 8  ? 11.280  8.426   -3.593  1.00 23.84 ? 8   C   A "C4'" 1 
ATOM   157 O  "O4'" . C   A 1 8  ? 11.377  9.843   -3.279  1.00 23.82 ? 8   C   A "O4'" 1 
ATOM   158 C  "C3'" . C   A 1 8  ? 11.171  7.754   -2.228  1.00 25.23 ? 8   C   A "C3'" 1 
ATOM   159 O  "O3'" . C   A 1 8  ? 11.608  6.394   -2.275  1.00 21.50 ? 8   C   A "O3'" 1 
ATOM   160 C  "C2'" . C   A 1 8  ? 12.113  8.612   -1.390  1.00 25.23 ? 8   C   A "C2'" 1 
ATOM   161 O  "O2'" . C   A 1 8  ? 13.482  8.329   -1.599  1.00 30.74 ? 8   C   A "O2'" 1 
ATOM   162 C  "C1'" . C   A 1 8  ? 11.818  10.005  -1.940  1.00 25.49 ? 8   C   A "C1'" 1 
ATOM   163 N  N1    . C   A 1 8  ? 10.763  10.673  -1.168  1.00 24.36 ? 8   C   A N1    1 
ATOM   164 C  C2    . C   A 1 8  ? 11.024  10.998  0.163   1.00 24.79 ? 8   C   A C2    1 
ATOM   165 O  O2    . C   A 1 8  ? 12.140  10.739  0.633   1.00 21.38 ? 8   C   A O2    1 
ATOM   166 N  N3    . C   A 1 8  ? 10.060  11.584  0.904   1.00 18.95 ? 8   C   A N3    1 
ATOM   167 C  C4    . C   A 1 8  ? 8.875   11.853  0.358   1.00 22.60 ? 8   C   A C4    1 
ATOM   168 N  N4    . C   A 1 8  ? 7.954   12.429  1.129   1.00 23.90 ? 8   C   A N4    1 
ATOM   169 C  C5    . C   A 1 8  ? 8.584   11.543  -1.004  1.00 20.42 ? 8   C   A C5    1 
ATOM   170 C  C6    . C   A 1 8  ? 9.548   10.960  -1.724  1.00 23.29 ? 8   C   A C6    1 
ATOM   171 P  P     . U   A 1 9  ? 10.876  5.284   -1.363  1.00 21.96 ? 9   U   A P     1 
ATOM   172 O  OP1   . U   A 1 9  ? 11.610  4.004   -1.519  1.00 26.29 ? 9   U   A OP1   1 
ATOM   173 O  OP2   . U   A 1 9  ? 9.423   5.336   -1.643  1.00 20.66 ? 9   U   A OP2   1 
ATOM   174 O  "O5'" . U   A 1 9  ? 11.122  5.770   0.131   1.00 26.35 ? 9   U   A "O5'" 1 
ATOM   175 C  "C5'" . U   A 1 9  ? 12.399  5.622   0.746   1.00 23.26 ? 9   U   A "C5'" 1 
ATOM   176 C  "C4'" . U   A 1 9  ? 12.352  6.147   2.160   1.00 21.56 ? 9   U   A "C4'" 1 
ATOM   177 O  "O4'" . U   A 1 9  ? 12.014  7.565   2.126   1.00 21.27 ? 9   U   A "O4'" 1 
ATOM   178 C  "C3'" . U   A 1 9  ? 11.267  5.531   3.024   1.00 20.20 ? 9   U   A "C3'" 1 
ATOM   179 O  "O3'" . U   A 1 9  ? 11.680  4.283   3.571   1.00 20.46 ? 9   U   A "O3'" 1 
ATOM   180 C  "C2'" . U   A 1 9  ? 11.044  6.618   4.066   1.00 16.88 ? 9   U   A "C2'" 1 
ATOM   181 O  "O2'" . U   A 1 9  ? 12.071  6.664   5.037   1.00 19.71 ? 9   U   A "O2'" 1 
ATOM   182 C  "C1'" . U   A 1 9  ? 11.138  7.871   3.196   1.00 20.69 ? 9   U   A "C1'" 1 
ATOM   183 N  N1    . U   A 1 9  ? 9.849   8.284   2.624   1.00 22.96 ? 9   U   A N1    1 
ATOM   184 C  C2    . U   A 1 9  ? 8.973   8.981   3.439   1.00 23.21 ? 9   U   A C2    1 
ATOM   185 O  O2    . U   A 1 9  ? 9.225   9.251   4.599   1.00 22.06 ? 9   U   A O2    1 
ATOM   186 N  N3    . U   A 1 9  ? 7.795   9.356   2.839   1.00 20.74 ? 9   U   A N3    1 
ATOM   187 C  C4    . U   A 1 9  ? 7.414   9.114   1.537   1.00 18.89 ? 9   U   A C4    1 
ATOM   188 O  O4    . U   A 1 9  ? 6.331   9.538   1.136   1.00 27.56 ? 9   U   A O4    1 
ATOM   189 C  C5    . U   A 1 9  ? 8.369   8.382   0.761   1.00 23.32 ? 9   U   A C5    1 
ATOM   190 C  C6    . U   A 1 9  ? 9.524   8.000   1.318   1.00 18.14 ? 9   U   A C6    1 
ATOM   191 P  P     . A   A 1 10 ? 10.773  2.973   3.331   1.00 24.52 ? 10  A   A P     1 
ATOM   192 O  OP1   . A   A 1 10 ? 11.573  1.788   3.703   1.00 27.36 ? 10  A   A OP1   1 
ATOM   193 O  OP2   . A   A 1 10 ? 10.191  3.067   1.963   1.00 17.43 ? 10  A   A OP2   1 
ATOM   194 O  "O5'" . A   A 1 10 ? 9.586   3.141   4.381   1.00 23.65 ? 10  A   A "O5'" 1 
ATOM   195 C  "C5'" . A   A 1 10 ? 9.846   3.050   5.775   1.00 23.99 ? 10  A   A "C5'" 1 
ATOM   196 C  "C4'" . A   A 1 10 ? 8.728   3.677   6.581   1.00 22.54 ? 10  A   A "C4'" 1 
ATOM   197 O  "O4'" . A   A 1 10 ? 8.614   5.098   6.284   1.00 26.43 ? 10  A   A "O4'" 1 
ATOM   198 C  "C3'" . A   A 1 10 ? 7.312   3.177   6.350   1.00 17.51 ? 10  A   A "C3'" 1 
ATOM   199 O  "O3'" . A   A 1 10 ? 7.094   1.917   6.982   1.00 22.40 ? 10  A   A "O3'" 1 
ATOM   200 C  "C2'" . A   A 1 10 ? 6.521   4.285   7.029   1.00 21.45 ? 10  A   A "C2'" 1 
ATOM   201 O  "O2'" . A   A 1 10 ? 6.625   4.201   8.435   1.00 22.03 ? 10  A   A "O2'" 1 
ATOM   202 C  "C1'" . A   A 1 10 ? 7.284   5.526   6.556   1.00 22.34 ? 10  A   A "C1'" 1 
ATOM   203 N  N9    . A   A 1 10 ? 6.702   6.072   5.330   1.00 25.08 ? 10  A   A N9    1 
ATOM   204 C  C8    . A   A 1 10 ? 7.146   5.936   4.036   1.00 25.56 ? 10  A   A C8    1 
ATOM   205 N  N7    . A   A 1 10 ? 6.372   6.514   3.147   1.00 24.25 ? 10  A   A N7    1 
ATOM   206 C  C5    . A   A 1 10 ? 5.356   7.078   3.905   1.00 28.83 ? 10  A   A C5    1 
ATOM   207 C  C6    . A   A 1 10 ? 4.212   7.829   3.556   1.00 24.03 ? 10  A   A C6    1 
ATOM   208 N  N6    . A   A 1 10 ? 3.891   8.155   2.302   1.00 24.63 ? 10  A   A N6    1 
ATOM   209 N  N1    . A   A 1 10 ? 3.399   8.237   4.557   1.00 20.96 ? 10  A   A N1    1 
ATOM   210 C  C2    . A   A 1 10 ? 3.723   7.914   5.816   1.00 20.96 ? 10  A   A C2    1 
ATOM   211 N  N3    . A   A 1 10 ? 4.769   7.216   6.269   1.00 23.94 ? 10  A   A N3    1 
ATOM   212 C  C4    . A   A 1 10 ? 5.552   6.821   5.253   1.00 21.08 ? 10  A   A C4    1 
ATOM   213 P  P     . G   A 1 11 ? 6.007   0.895   6.380   1.00 24.78 ? 11  G   A P     1 
ATOM   214 O  OP1   . G   A 1 11 ? 6.224   -0.422  7.035   1.00 24.14 ? 11  G   A OP1   1 
ATOM   215 O  OP2   . G   A 1 11 ? 6.038   0.990   4.900   1.00 14.43 ? 11  G   A OP2   1 
ATOM   216 O  "O5'" . G   A 1 11 ? 4.614   1.466   6.908   1.00 26.93 ? 11  G   A "O5'" 1 
ATOM   217 C  "C5'" . G   A 1 11 ? 4.367   1.558   8.309   1.00 28.54 ? 11  G   A "C5'" 1 
ATOM   218 C  "C4'" . G   A 1 11 ? 3.169   2.434   8.581   1.00 30.62 ? 11  G   A "C4'" 1 
ATOM   219 O  "O4'" . G   A 1 11 ? 3.422   3.765   8.065   1.00 33.71 ? 11  G   A "O4'" 1 
ATOM   220 C  "C3'" . G   A 1 11 ? 1.871   2.021   7.907   1.00 32.76 ? 11  G   A "C3'" 1 
ATOM   221 O  "O3'" . G   A 1 11 ? 1.194   1.029   8.670   1.00 33.61 ? 11  G   A "O3'" 1 
ATOM   222 C  "C2'" . G   A 1 11 ? 1.098   3.331   7.922   1.00 34.33 ? 11  G   A "C2'" 1 
ATOM   223 O  "O2'" . G   A 1 11 ? 0.556   3.629   9.194   1.00 31.05 ? 11  G   A "O2'" 1 
ATOM   224 C  "C1'" . G   A 1 11 ? 2.207   4.332   7.595   1.00 29.25 ? 11  G   A "C1'" 1 
ATOM   225 N  N9    . G   A 1 11 ? 2.325   4.550   6.158   1.00 29.06 ? 11  G   A N9    1 
ATOM   226 C  C8    . G   A 1 11 ? 3.216   3.951   5.300   1.00 28.94 ? 11  G   A C8    1 
ATOM   227 N  N7    . G   A 1 11 ? 3.066   4.327   4.060   1.00 31.38 ? 11  G   A N7    1 
ATOM   228 C  C5    . G   A 1 11 ? 2.019   5.237   4.101   1.00 35.27 ? 11  G   A C5    1 
ATOM   229 C  C6    . G   A 1 11 ? 1.406   5.982   3.057   1.00 32.21 ? 11  G   A C6    1 
ATOM   230 O  O6    . G   A 1 11 ? 1.674   5.983   1.851   1.00 34.97 ? 11  G   A O6    1 
ATOM   231 N  N1    . G   A 1 11 ? 0.379   6.787   3.538   1.00 30.87 ? 11  G   A N1    1 
ATOM   232 C  C2    . G   A 1 11 ? -0.014  6.864   4.853   1.00 34.24 ? 11  G   A C2    1 
ATOM   233 N  N2    . G   A 1 11 ? -1.028  7.701   5.117   1.00 21.45 ? 11  G   A N2    1 
ATOM   234 N  N3    . G   A 1 11 ? 0.546   6.172   5.836   1.00 30.68 ? 11  G   A N3    1 
ATOM   235 C  C4    . G   A 1 11 ? 1.551   5.387   5.389   1.00 33.25 ? 11  G   A C4    1 
ATOM   236 P  P     . C   A 1 12 ? 1.316   -0.521  8.256   1.00 33.82 ? 12  C   A P     1 
ATOM   237 O  OP1   . C   A 1 12 ? -0.067  -1.025  8.095   1.00 41.73 ? 12  C   A OP1   1 
ATOM   238 O  OP2   . C   A 1 12 ? 2.233   -1.178  9.220   1.00 37.82 ? 12  C   A OP2   1 
ATOM   239 O  "O5'" . C   A 1 12 ? 2.014   -0.508  6.825   1.00 36.35 ? 12  C   A "O5'" 1 
ATOM   240 O  "O5'" . C   A 1 17 ? -8.769  4.438   8.761   1.00 60.08 ? 17  C   A "O5'" 1 
ATOM   241 C  "C5'" . C   A 1 17 ? -9.400  5.683   8.478   1.00 50.61 ? 17  C   A "C5'" 1 
ATOM   242 C  "C4'" . C   A 1 17 ? -8.727  6.359   7.308   1.00 45.59 ? 17  C   A "C4'" 1 
ATOM   243 O  "O4'" . C   A 1 17 ? -7.357  6.695   7.660   1.00 52.97 ? 17  C   A "O4'" 1 
ATOM   244 C  "C3'" . C   A 1 17 ? -8.591  5.513   6.053   1.00 46.46 ? 17  C   A "C3'" 1 
ATOM   245 O  "O3'" . C   A 1 17 ? -9.781  5.548   5.276   1.00 44.51 ? 17  C   A "O3'" 1 
ATOM   246 C  "C2'" . C   A 1 17 ? -7.430  6.191   5.340   1.00 47.54 ? 17  C   A "C2'" 1 
ATOM   247 O  "O2'" . C   A 1 17 ? -7.815  7.357   4.641   1.00 51.90 ? 17  C   A "O2'" 1 
ATOM   248 C  "C1'" . C   A 1 17 ? -6.524  6.560   6.518   1.00 49.04 ? 17  C   A "C1'" 1 
ATOM   249 N  N1    . C   A 1 17 ? -5.516  5.521   6.795   1.00 47.58 ? 17  C   A N1    1 
ATOM   250 C  C2    . C   A 1 17 ? -4.399  5.435   5.959   1.00 41.77 ? 17  C   A C2    1 
ATOM   251 O  O2    . C   A 1 17 ? -4.284  6.246   5.032   1.00 36.24 ? 17  C   A O2    1 
ATOM   252 N  N3    . C   A 1 17 ? -3.476  4.470   6.181   1.00 38.83 ? 17  C   A N3    1 
ATOM   253 C  C4    . C   A 1 17 ? -3.640  3.609   7.188   1.00 39.50 ? 17  C   A C4    1 
ATOM   254 N  N4    . C   A 1 17 ? -2.712  2.663   7.356   1.00 30.67 ? 17  C   A N4    1 
ATOM   255 C  C5    . C   A 1 17 ? -4.764  3.680   8.065   1.00 40.19 ? 17  C   A C5    1 
ATOM   256 C  C6    . C   A 1 17 ? -5.668  4.645   7.835   1.00 46.14 ? 17  C   A C6    1 
ATOM   257 P  P     . C   A 1 18 ? -10.080 4.368   4.226   1.00 43.52 ? 18  C   A P     1 
ATOM   258 O  OP1   . C   A 1 18 ? -11.415 4.612   3.621   1.00 46.39 ? 18  C   A OP1   1 
ATOM   259 O  OP2   . C   A 1 18 ? -9.805  3.071   4.898   1.00 38.31 ? 18  C   A OP2   1 
ATOM   260 O  "O5'" . C   A 1 18 ? -8.975  4.576   3.098   1.00 44.93 ? 18  C   A "O5'" 1 
ATOM   261 C  "C5'" . C   A 1 18 ? -9.006  5.715   2.244   1.00 36.29 ? 18  C   A "C5'" 1 
ATOM   262 C  "C4'" . C   A 1 18 ? -8.056  5.529   1.085   1.00 36.92 ? 18  C   A "C4'" 1 
ATOM   263 O  "O4'" . C   A 1 18 ? -6.685  5.507   1.568   1.00 36.41 ? 18  C   A "O4'" 1 
ATOM   264 C  "C3'" . C   A 1 18 ? -8.194  4.219   0.330   1.00 32.19 ? 18  C   A "C3'" 1 
ATOM   265 O  "O3'" . C   A 1 18 ? -9.244  4.277   -0.623  1.00 30.48 ? 18  C   A "O3'" 1 
ATOM   266 C  "C2'" . C   A 1 18 ? -6.830  4.091   -0.336  1.00 34.10 ? 18  C   A "C2'" 1 
ATOM   267 O  "O2'" . C   A 1 18 ? -6.709  4.870   -1.511  1.00 37.10 ? 18  C   A "O2'" 1 
ATOM   268 C  "C1'" . C   A 1 18 ? -5.911  4.641   0.754   1.00 28.31 ? 18  C   A "C1'" 1 
ATOM   269 N  N1    . C   A 1 18 ? -5.333  3.590   1.605   1.00 25.32 ? 18  C   A N1    1 
ATOM   270 C  C2    . C   A 1 18 ? -4.311  2.792   1.080   1.00 29.86 ? 18  C   A C2    1 
ATOM   271 O  O2    . C   A 1 18 ? -3.936  2.990   -0.087  1.00 34.09 ? 18  C   A O2    1 
ATOM   272 N  N3    . C   A 1 18 ? -3.758  1.829   1.855   1.00 31.85 ? 18  C   A N3    1 
ATOM   273 C  C4    . C   A 1 18 ? -4.187  1.651   3.111   1.00 31.79 ? 18  C   A C4    1 
ATOM   274 N  N4    . C   A 1 18 ? -3.601  0.697   3.842   1.00 21.32 ? 18  C   A N4    1 
ATOM   275 C  C5    . C   A 1 18 ? -5.233  2.445   3.669   1.00 16.94 ? 18  C   A C5    1 
ATOM   276 C  C6    . C   A 1 18 ? -5.773  3.394   2.887   1.00 26.48 ? 18  C   A C6    1 
ATOM   277 P  P     . C   A 1 19 ? -9.966  2.919   -1.085  1.00 35.18 ? 19  C   A P     1 
ATOM   278 O  OP1   . C   A 1 19 ? -11.110 3.286   -1.958  1.00 34.60 ? 19  C   A OP1   1 
ATOM   279 O  OP2   . C   A 1 19 ? -10.200 2.102   0.132   1.00 28.56 ? 19  C   A OP2   1 
ATOM   280 O  "O5'" . C   A 1 19 ? -8.870  2.175   -1.968  1.00 30.46 ? 19  C   A "O5'" 1 
ATOM   281 C  "C5'" . C   A 1 19 ? -8.352  2.776   -3.147  1.00 34.44 ? 19  C   A "C5'" 1 
ATOM   282 C  "C4'" . C   A 1 19 ? -7.253  1.923   -3.726  1.00 34.39 ? 19  C   A "C4'" 1 
ATOM   283 O  "O4'" . C   A 1 19 ? -6.115  1.903   -2.818  1.00 32.41 ? 19  C   A "O4'" 1 
ATOM   284 C  "C3'" . C   A 1 19 ? -7.596  0.453   -3.899  1.00 33.85 ? 19  C   A "C3'" 1 
ATOM   285 O  "O3'" . C   A 1 19 ? -8.342  0.209   -5.084  1.00 34.65 ? 19  C   A "O3'" 1 
ATOM   286 C  "C2'" . C   A 1 19 ? -6.216  -0.188  -3.948  1.00 34.47 ? 19  C   A "C2'" 1 
ATOM   287 O  "O2'" . C   A 1 19 ? -5.583  -0.038  -5.201  1.00 30.72 ? 19  C   A "O2'" 1 
ATOM   288 C  "C1'" . C   A 1 19 ? -5.467  0.639   -2.904  1.00 34.46 ? 19  C   A "C1'" 1 
ATOM   289 N  N1    . C   A 1 19 ? -5.472  0.015   -1.571  1.00 30.44 ? 19  C   A N1    1 
ATOM   290 C  C2    . C   A 1 19 ? -4.566  -1.021  -1.310  1.00 35.23 ? 19  C   A C2    1 
ATOM   291 O  O2    . C   A 1 19 ? -3.818  -1.413  -2.220  1.00 31.64 ? 19  C   A O2    1 
ATOM   292 N  N3    . C   A 1 19 ? -4.528  -1.568  -0.074  1.00 28.27 ? 19  C   A N3    1 
ATOM   293 C  C4    . C   A 1 19 ? -5.352  -1.125  0.876   1.00 28.60 ? 19  C   A C4    1 
ATOM   294 N  N4    . C   A 1 19 ? -5.270  -1.688  2.089   1.00 25.76 ? 19  C   A N4    1 
ATOM   295 C  C5    . C   A 1 19 ? -6.298  -0.087  0.630   1.00 24.59 ? 19  C   A C5    1 
ATOM   296 C  C6    . C   A 1 19 ? -6.327  0.446   -0.598  1.00 27.19 ? 19  C   A C6    1 
ATOM   297 P  P     . U   A 1 20 ? -9.172  -1.160  -5.228  1.00 33.73 ? 20  U   A P     1 
ATOM   298 O  OP1   . U   A 1 20 ? -9.887  -1.153  -6.532  1.00 44.10 ? 20  U   A OP1   1 
ATOM   299 O  OP2   . U   A 1 20 ? -9.934  -1.349  -3.970  1.00 42.30 ? 20  U   A OP2   1 
ATOM   300 O  "O5'" . U   A 1 20 ? -8.052  -2.289  -5.293  1.00 36.07 ? 20  U   A "O5'" 1 
ATOM   301 C  "C5'" . U   A 1 20 ? -7.096  -2.298  -6.344  1.00 29.83 ? 20  U   A "C5'" 1 
ATOM   302 C  "C4'" . U   A 1 20 ? -6.155  -3.460  -6.181  1.00 33.59 ? 20  U   A "C4'" 1 
ATOM   303 O  "O4'" . U   A 1 20 ? -5.379  -3.311  -4.966  1.00 38.25 ? 20  U   A "O4'" 1 
ATOM   304 C  "C3'" . U   A 1 20 ? -6.827  -4.810  -6.038  1.00 34.20 ? 20  U   A "C3'" 1 
ATOM   305 O  "O3'" . U   A 1 20 ? -7.154  -5.282  -7.339  1.00 38.72 ? 20  U   A "O3'" 1 
ATOM   306 C  "C2'" . U   A 1 20 ? -5.749  -5.634  -5.334  1.00 35.66 ? 20  U   A "C2'" 1 
ATOM   307 O  "O2'" . U   A 1 20 ? -4.754  -6.118  -6.213  1.00 38.09 ? 20  U   A "O2'" 1 
ATOM   308 C  "C1'" . U   A 1 20 ? -5.111  -4.589  -4.415  1.00 31.79 ? 20  U   A "C1'" 1 
ATOM   309 N  N1    . U   A 1 20 ? -5.585  -4.591  -3.023  1.00 28.61 ? 20  U   A N1    1 
ATOM   310 C  C2    . U   A 1 20 ? -5.040  -5.516  -2.152  1.00 27.90 ? 20  U   A C2    1 
ATOM   311 O  O2    . U   A 1 20 ? -4.222  -6.353  -2.496  1.00 31.39 ? 20  U   A O2    1 
ATOM   312 N  N3    . U   A 1 20 ? -5.488  -5.422  -0.859  1.00 27.07 ? 20  U   A N3    1 
ATOM   313 C  C4    . U   A 1 20 ? -6.404  -4.523  -0.361  1.00 27.23 ? 20  U   A C4    1 
ATOM   314 O  O4    . U   A 1 20 ? -6.684  -4.549  0.837   1.00 28.01 ? 20  U   A O4    1 
ATOM   315 C  C5    . U   A 1 20 ? -6.936  -3.614  -1.327  1.00 20.24 ? 20  U   A C5    1 
ATOM   316 C  C6    . U   A 1 20 ? -6.522  -3.682  -2.593  1.00 26.98 ? 20  U   A C6    1 
ATOM   317 P  P     . C   A 1 21 ? -7.973  -6.648  -7.518  1.00 42.70 ? 21  C   A P     1 
ATOM   318 O  OP1   . C   A 1 21 ? -8.522  -6.675  -8.900  1.00 50.23 ? 21  C   A OP1   1 
ATOM   319 O  OP2   . C   A 1 21 ? -8.890  -6.806  -6.367  1.00 39.15 ? 21  C   A OP2   1 
ATOM   320 O  "O5'" . C   A 1 21 ? -6.827  -7.743  -7.426  1.00 38.62 ? 21  C   A "O5'" 1 
ATOM   321 C  "C5'" . C   A 1 21 ? -7.116  -9.063  -7.038  1.00 41.61 ? 21  C   A "C5'" 1 
ATOM   322 C  "C4'" . C   A 1 21 ? -5.919  -9.672  -6.361  1.00 44.46 ? 21  C   A "C4'" 1 
ATOM   323 O  "O4'" . C   A 1 21 ? -5.417  -8.772  -5.341  1.00 37.65 ? 21  C   A "O4'" 1 
ATOM   324 C  "C3'" . C   A 1 21 ? -6.249  -10.966 -5.645  1.00 42.06 ? 21  C   A "C3'" 1 
ATOM   325 O  "O3'" . C   A 1 21 ? -6.059  -12.043 -6.548  1.00 46.48 ? 21  C   A "O3'" 1 
ATOM   326 C  "C2'" . C   A 1 21 ? -5.248  -10.991 -4.503  1.00 31.95 ? 21  C   A "C2'" 1 
ATOM   327 O  "O2'" . C   A 1 21 ? -3.997  -11.485 -4.933  1.00 38.18 ? 21  C   A "O2'" 1 
ATOM   328 C  "C1'" . C   A 1 21 ? -5.133  -9.502  -4.164  1.00 40.81 ? 21  C   A "C1'" 1 
ATOM   329 N  N1    . C   A 1 21 ? -6.036  -9.015  -3.110  1.00 30.27 ? 21  C   A N1    1 
ATOM   330 C  C2    . C   A 1 21 ? -5.790  -9.373  -1.787  1.00 35.57 ? 21  C   A C2    1 
ATOM   331 O  O2    . C   A 1 21 ? -4.849  -10.149 -1.538  1.00 31.73 ? 21  C   A O2    1 
ATOM   332 N  N3    . C   A 1 21 ? -6.579  -8.867  -0.809  1.00 33.96 ? 21  C   A N3    1 
ATOM   333 C  C4    . C   A 1 21 ? -7.585  -8.046  -1.119  1.00 32.48 ? 21  C   A C4    1 
ATOM   334 N  N4    . C   A 1 21 ? -8.327  -7.561  -0.122  1.00 24.30 ? 21  C   A N4    1 
ATOM   335 C  C5    . C   A 1 21 ? -7.874  -7.685  -2.465  1.00 32.79 ? 21  C   A C5    1 
ATOM   336 C  C6    . C   A 1 21 ? -7.085  -8.192  -3.419  1.00 40.15 ? 21  C   A C6    1 
ATOM   337 P  P     . U   A 1 22 ? -7.145  -13.214 -6.614  1.00 46.54 ? 22  U   A P     1 
ATOM   338 O  OP1   . U   A 1 22 ? -6.769  -14.082 -7.758  1.00 45.06 ? 22  U   A OP1   1 
ATOM   339 O  OP2   . U   A 1 22 ? -8.487  -12.567 -6.588  1.00 28.20 ? 22  U   A OP2   1 
ATOM   340 O  "O5'" . U   A 1 22 ? -6.915  -14.013 -5.251  1.00 42.38 ? 22  U   A "O5'" 1 
ATOM   341 C  "C5'" . U   A 1 22 ? -5.671  -14.664 -4.991  1.00 45.24 ? 22  U   A "C5'" 1 
ATOM   342 C  "C4'" . U   A 1 22 ? -5.710  -15.407 -3.667  1.00 50.73 ? 22  U   A "C4'" 1 
ATOM   343 O  "O4'" . U   A 1 22 ? -5.912  -14.446 -2.595  1.00 46.74 ? 22  U   A "O4'" 1 
ATOM   344 C  "C3'" . U   A 1 22 ? -6.902  -16.364 -3.604  1.00 43.85 ? 22  U   A "C3'" 1 
ATOM   345 O  "O3'" . U   A 1 22 ? -6.632  -17.680 -3.125  1.00 50.73 ? 22  U   A "O3'" 1 
ATOM   346 C  "C2'" . U   A 1 22 ? -7.989  -15.638 -2.820  1.00 43.01 ? 22  U   A "C2'" 1 
ATOM   347 O  "O2'" . U   A 1 22 ? -8.640  -16.494 -1.903  1.00 49.54 ? 22  U   A "O2'" 1 
ATOM   348 C  "C1'" . U   A 1 22 ? -7.165  -14.658 -1.990  1.00 42.48 ? 22  U   A "C1'" 1 
ATOM   349 N  N1    . U   A 1 22 ? -7.791  -13.380 -1.644  1.00 37.44 ? 22  U   A N1    1 
ATOM   350 C  C2    . U   A 1 22 ? -8.125  -13.205 -0.317  1.00 39.05 ? 22  U   A C2    1 
ATOM   351 O  O2    . U   A 1 22 ? -7.897  -14.048 0.539   1.00 27.06 ? 22  U   A O2    1 
ATOM   352 N  N3    . U   A 1 22 ? -8.734  -12.012 -0.028  1.00 37.79 ? 22  U   A N3    1 
ATOM   353 C  C4    . U   A 1 22 ? -9.033  -11.003 -0.911  1.00 29.59 ? 22  U   A C4    1 
ATOM   354 O  O4    . U   A 1 22 ? -9.591  -9.988  -0.499  1.00 38.45 ? 22  U   A O4    1 
ATOM   355 C  C5    . U   A 1 22 ? -8.647  -11.258 -2.262  1.00 36.98 ? 22  U   A C5    1 
ATOM   356 C  C6    . U   A 1 22 ? -8.051  -12.411 -2.575  1.00 41.94 ? 22  U   A C6    1 
ATOM   357 P  P     . A   A 1 23 ? -5.588  -18.628 -3.888  1.00 51.01 ? 23  A   A P     1 
ATOM   358 O  OP1   . A   A 1 23 ? -5.434  -18.169 -5.289  1.00 64.63 ? 23  A   A OP1   1 
ATOM   359 O  OP2   . A   A 1 23 ? -6.007  -20.024 -3.614  1.00 56.71 ? 23  A   A OP2   1 
ATOM   360 O  "O5'" . A   A 1 23 ? -4.220  -18.383 -3.111  1.00 58.42 ? 23  A   A "O5'" 1 
ATOM   361 C  "C5'" . A   A 1 23 ? -3.041  -18.018 -3.814  1.00 57.41 ? 23  A   A "C5'" 1 
ATOM   362 C  "C4'" . A   A 1 23 ? -1.817  -18.325 -2.986  1.00 56.64 ? 23  A   A "C4'" 1 
ATOM   363 O  "O4'" . A   A 1 23 ? -1.789  -17.453 -1.822  1.00 51.44 ? 23  A   A "O4'" 1 
ATOM   364 C  "C3'" . A   A 1 23 ? -1.793  -19.735 -2.425  1.00 51.16 ? 23  A   A "C3'" 1 
ATOM   365 O  "O3'" . A   A 1 23 ? -0.805  -20.638 -2.913  1.00 62.18 ? 23  A   A "O3'" 1 
ATOM   366 C  "C2'" . A   A 1 23 ? -2.277  -19.662 -0.978  1.00 51.18 ? 23  A   A "C2'" 1 
ATOM   367 O  "O2'" . A   A 1 23 ? -1.480  -20.424 -0.093  1.00 47.89 ? 23  A   A "O2'" 1 
ATOM   368 C  "C1'" . A   A 1 23 ? -2.053  -18.186 -0.636  1.00 48.43 ? 23  A   A "C1'" 1 
ATOM   369 N  N9    . A   A 1 23 ? -3.147  -17.523 0.081   1.00 38.79 ? 23  A   A N9    1 
ATOM   370 C  C8    . A   A 1 23 ? -4.494  -17.560 -0.178  1.00 31.09 ? 23  A   A C8    1 
ATOM   371 N  N7    . A   A 1 23 ? -5.206  -16.794 0.618   1.00 28.28 ? 23  A   A N7    1 
ATOM   372 C  C5    . A   A 1 23 ? -4.264  -16.226 1.467   1.00 27.76 ? 23  A   A C5    1 
ATOM   373 C  C6    . A   A 1 23 ? -4.371  -15.303 2.528   1.00 28.24 ? 23  A   A C6    1 
ATOM   374 N  N6    . A   A 1 23 ? -5.521  -14.756 2.930   1.00 27.78 ? 23  A   A N6    1 
ATOM   375 N  N1    . A   A 1 23 ? -3.236  -14.950 3.168   1.00 26.72 ? 23  A   A N1    1 
ATOM   376 C  C2    . A   A 1 23 ? -2.080  -15.483 2.762   1.00 23.83 ? 23  A   A C2    1 
ATOM   377 N  N3    . A   A 1 23 ? -1.849  -16.347 1.779   1.00 26.07 ? 23  A   A N3    1 
ATOM   378 C  C4    . A   A 1 23 ? -2.995  -16.683 1.161   1.00 31.36 ? 23  A   A C4    1 
ATOM   379 P  P     . U   A 1 24 ? 0.747   -20.374 -2.586  1.00 64.55 ? 24  U   A P     1 
ATOM   380 O  OP1   . U   A 1 24 ? 1.536   -21.504 -3.138  1.00 68.87 ? 24  U   A OP1   1 
ATOM   381 O  OP2   . U   A 1 24 ? 0.864   -20.035 -1.147  1.00 64.01 ? 24  U   A OP2   1 
ATOM   382 O  "O5'" . U   A 1 24 ? 1.085   -19.071 -3.442  1.00 68.34 ? 24  U   A "O5'" 1 
ATOM   383 C  "C5'" . U   A 1 24 ? 1.906   -18.036 -2.910  1.00 60.81 ? 24  U   A "C5'" 1 
ATOM   384 C  "C4'" . U   A 1 24 ? 1.757   -16.772 -3.724  1.00 56.93 ? 24  U   A "C4'" 1 
ATOM   385 O  "O4'" . U   A 1 24 ? 0.364   -16.365 -3.767  1.00 53.64 ? 24  U   A "O4'" 1 
ATOM   386 C  "C3'" . U   A 1 24 ? 2.506   -15.579 -3.150  1.00 60.77 ? 24  U   A "C3'" 1 
ATOM   387 O  "O3'" . U   A 1 24 ? 3.845   -15.566 -3.639  1.00 59.26 ? 24  U   A "O3'" 1 
ATOM   388 C  "C2'" . U   A 1 24 ? 1.707   -14.385 -3.664  1.00 57.35 ? 24  U   A "C2'" 1 
ATOM   389 O  "O2'" . U   A 1 24 ? 2.103   -13.996 -4.963  1.00 56.95 ? 24  U   A "O2'" 1 
ATOM   390 C  "C1'" . U   A 1 24 ? 0.285   -14.953 -3.714  1.00 51.82 ? 24  U   A "C1'" 1 
ATOM   391 N  N1    . U   A 1 24 ? -0.673  -14.572 -2.662  1.00 46.49 ? 24  U   A N1    1 
ATOM   392 C  C2    . U   A 1 24 ? -0.204  -14.320 -1.378  1.00 46.82 ? 24  U   A C2    1 
ATOM   393 O  O2    . U   A 1 24 ? 0.973   -14.389 -1.071  1.00 60.04 ? 24  U   A O2    1 
ATOM   394 N  N3    . U   A 1 24 ? -1.172  -13.984 -0.461  1.00 36.44 ? 24  U   A N3    1 
ATOM   395 C  C4    . U   A 1 24 ? -2.530  -13.871 -0.688  1.00 36.49 ? 24  U   A C4    1 
ATOM   396 O  O4    . U   A 1 24 ? -3.278  -13.572 0.249   1.00 27.40 ? 24  U   A O4    1 
ATOM   397 C  C5    . U   A 1 24 ? -2.934  -14.132 -2.038  1.00 35.17 ? 24  U   A C5    1 
ATOM   398 C  C6    . U   A 1 24 ? -2.017  -14.467 -2.953  1.00 41.57 ? 24  U   A C6    1 
ATOM   399 P  P     . A   A 1 25 ? 5.040   -15.087 -2.679  1.00 67.45 ? 25  A   A P     1 
ATOM   400 O  OP1   . A   A 1 25 ? 6.292   -15.048 -3.477  1.00 71.80 ? 25  A   A OP1   1 
ATOM   401 O  OP2   . A   A 1 25 ? 4.981   -15.904 -1.442  1.00 70.43 ? 25  A   A OP2   1 
ATOM   402 O  "O5'" . A   A 1 25 ? 4.637   -13.596 -2.296  1.00 66.76 ? 25  A   A "O5'" 1 
ATOM   403 C  "C5'" . A   A 1 25 ? 5.492   -12.500 -2.593  1.00 60.87 ? 25  A   A "C5'" 1 
ATOM   404 C  "C4'" . A   A 1 25 ? 5.190   -11.971 -3.971  1.00 58.06 ? 25  A   A "C4'" 1 
ATOM   405 O  "O4'" . A   A 1 25 ? 3.762   -12.069 -4.201  1.00 52.85 ? 25  A   A "O4'" 1 
ATOM   406 C  "C3'" . A   A 1 25 ? 5.539   -10.501 -4.134  1.00 57.00 ? 25  A   A "C3'" 1 
ATOM   407 O  "O3'" . A   A 1 25 ? 6.478   -10.143 -5.147  1.00 61.96 ? 25  A   A "O3'" 1 
ATOM   408 C  "C2'" . A   A 1 25 ? 4.243   -9.721  -3.946  1.00 55.45 ? 25  A   A "C2'" 1 
ATOM   409 O  "O2'" . A   A 1 25 ? 4.084   -8.756  -4.959  1.00 63.57 ? 25  A   A "O2'" 1 
ATOM   410 C  "C1'" . A   A 1 25 ? 3.172   -10.783 -4.200  1.00 50.01 ? 25  A   A "C1'" 1 
ATOM   411 N  N9    . A   A 1 25 ? 2.063   -10.779 -3.246  1.00 38.21 ? 25  A   A N9    1 
ATOM   412 C  C8    . A   A 1 25 ? 2.103   -10.861 -1.876  1.00 33.01 ? 25  A   A C8    1 
ATOM   413 N  N7    . A   A 1 25 ? 0.919   -10.849 -1.311  1.00 26.10 ? 25  A   A N7    1 
ATOM   414 C  C5    . A   A 1 25 ? 0.040   -10.747 -2.380  1.00 34.31 ? 25  A   A C5    1 
ATOM   415 C  C6    . A   A 1 25 ? -1.365  -10.688 -2.455  1.00 34.74 ? 25  A   A C6    1 
ATOM   416 N  N6    . A   A 1 25 ? -2.170  -10.728 -1.391  1.00 25.67 ? 25  A   A N6    1 
ATOM   417 N  N1    . A   A 1 25 ? -1.923  -10.587 -3.682  1.00 36.27 ? 25  A   A N1    1 
ATOM   418 C  C2    . A   A 1 25 ? -1.122  -10.553 -4.751  1.00 33.35 ? 25  A   A C2    1 
ATOM   419 N  N3    . A   A 1 25 ? 0.206   -10.604 -4.810  1.00 36.41 ? 25  A   A N3    1 
ATOM   420 C  C4    . A   A 1 25 ? 0.732   -10.700 -3.577  1.00 36.10 ? 25  A   A C4    1 
ATOM   421 P  P     . A   A 1 26 ? 6.855   -8.594  -5.381  1.00 62.77 ? 26  A   A P     1 
ATOM   422 O  OP1   . A   A 1 26 ? 8.176   -8.551  -6.053  1.00 71.50 ? 26  A   A OP1   1 
ATOM   423 O  OP2   . A   A 1 26 ? 6.663   -7.870  -4.098  1.00 66.77 ? 26  A   A OP2   1 
ATOM   424 O  "O5'" . A   A 1 26 ? 5.747   -8.082  -6.410  1.00 61.20 ? 26  A   A "O5'" 1 
ATOM   425 C  "C5'" . A   A 1 26 ? 5.411   -8.869  -7.543  1.00 53.86 ? 26  A   A "C5'" 1 
ATOM   426 C  "C4'" . A   A 1 26 ? 4.202   -8.314  -8.270  1.00 50.96 ? 26  A   A "C4'" 1 
ATOM   427 O  "O4'" . A   A 1 26 ? 3.014   -8.438  -7.435  1.00 48.13 ? 26  A   A "O4'" 1 
ATOM   428 C  "C3'" . A   A 1 26 ? 4.359   -6.815  -8.544  1.00 49.34 ? 26  A   A "C3'" 1 
ATOM   429 O  "O3'" . A   A 1 26 ? 4.167   -6.437  -9.906  1.00 51.04 ? 26  A   A "O3'" 1 
ATOM   430 C  "C2'" . A   A 1 26 ? 3.546   -6.086  -7.478  1.00 49.10 ? 26  A   A "C2'" 1 
ATOM   431 O  "O2'" . A   A 1 26 ? 2.823   -4.992  -8.002  1.00 47.78 ? 26  A   A "O2'" 1 
ATOM   432 C  "C1'" . A   A 1 26 ? 2.521   -7.155  -7.121  1.00 47.36 ? 26  A   A "C1'" 1 
ATOM   433 N  N9    . A   A 1 26 ? 1.818   -7.127  -5.837  1.00 41.95 ? 26  A   A N9    1 
ATOM   434 C  C8    . A   A 1 26 ? 2.281   -6.991  -4.552  1.00 39.04 ? 26  A   A C8    1 
ATOM   435 N  N7    . A   A 1 26 ? 1.329   -6.940  -3.651  1.00 41.61 ? 26  A   A N7    1 
ATOM   436 C  C5    . A   A 1 26 ? 0.161   -7.061  -4.392  1.00 39.46 ? 26  A   A C5    1 
ATOM   437 C  C6    . A   A 1 26 ? -1.202  -7.070  -4.028  1.00 38.54 ? 26  A   A C6    1 
ATOM   438 N  N6    . A   A 1 26 ? -1.636  -6.947  -2.773  1.00 38.98 ? 26  A   A N6    1 
ATOM   439 N  N1    . A   A 1 26 ? -2.115  -7.209  -5.016  1.00 43.49 ? 26  A   A N1    1 
ATOM   440 C  C2    . A   A 1 26 ? -1.682  -7.327  -6.279  1.00 37.07 ? 26  A   A C2    1 
ATOM   441 N  N3    . A   A 1 26 ? -0.433  -7.329  -6.743  1.00 40.91 ? 26  A   A N3    1 
ATOM   442 C  C4    . A   A 1 26 ? 0.449   -7.191  -5.737  1.00 38.89 ? 26  A   A C4    1 
ATOM   443 P  P     . A   A 1 27 ? 4.687   -5.011  -10.426 1.00 47.56 ? 27  A   A P     1 
ATOM   444 O  OP1   . A   A 1 27 ? 5.232   -5.255  -11.774 1.00 43.77 ? 27  A   A OP1   1 
ATOM   445 O  OP2   . A   A 1 27 ? 5.565   -4.435  -9.377  1.00 56.43 ? 27  A   A OP2   1 
ATOM   446 O  "O5'" . A   A 1 27 ? 3.365   -4.117  -10.550 1.00 46.74 ? 27  A   A "O5'" 1 
ATOM   447 C  "C5'" . A   A 1 27 ? 2.637   -4.074  -11.775 1.00 34.84 ? 27  A   A "C5'" 1 
ATOM   448 C  "C4'" . A   A 1 27 ? 1.348   -3.278  -11.642 1.00 38.16 ? 27  A   A "C4'" 1 
ATOM   449 O  "O4'" . A   A 1 27 ? 0.446   -3.889  -10.683 1.00 37.16 ? 27  A   A "O4'" 1 
ATOM   450 C  "C3'" . A   A 1 27 ? 1.384   -1.827  -11.186 1.00 36.74 ? 27  A   A "C3'" 1 
ATOM   451 O  "O3'" . A   A 1 27 ? 1.769   -0.956  -12.245 1.00 33.36 ? 27  A   A "O3'" 1 
ATOM   452 C  "C2'" . A   A 1 27 ? -0.087  -1.574  -10.863 1.00 35.10 ? 27  A   A "C2'" 1 
ATOM   453 O  "O2'" . A   A 1 27 ? -0.841  -1.276  -12.017 1.00 40.93 ? 27  A   A "O2'" 1 
ATOM   454 C  "C1'" . A   A 1 27 ? -0.537  -2.931  -10.316 1.00 33.53 ? 27  A   A "C1'" 1 
ATOM   455 N  N9    . A   A 1 27 ? -0.715  -2.927  -8.864  1.00 34.81 ? 27  A   A N9    1 
ATOM   456 C  C8    . A   A 1 27 ? 0.040   -3.525  -7.887  1.00 31.57 ? 27  A   A C8    1 
ATOM   457 N  N7    . A   A 1 27 ? -0.406  -3.311  -6.671  1.00 36.29 ? 27  A   A N7    1 
ATOM   458 C  C5    . A   A 1 27 ? -1.531  -2.520  -6.860  1.00 30.62 ? 27  A   A C5    1 
ATOM   459 C  C6    . A   A 1 27 ? -2.457  -1.948  -5.960  1.00 31.65 ? 27  A   A C6    1 
ATOM   460 N  N6    . A   A 1 27 ? -2.391  -2.093  -4.637  1.00 23.33 ? 27  A   A N6    1 
ATOM   461 N  N1    . A   A 1 27 ? -3.466  -1.211  -6.479  1.00 26.36 ? 27  A   A N1    1 
ATOM   462 C  C2    . A   A 1 27 ? -3.529  -1.062  -7.808  1.00 31.78 ? 27  A   A C2    1 
ATOM   463 N  N3    . A   A 1 27 ? -2.722  -1.547  -8.753  1.00 29.81 ? 27  A   A N3    1 
ATOM   464 C  C4    . A   A 1 27 ? -1.733  -2.275  -8.206  1.00 32.34 ? 27  A   A C4    1 
ATOM   465 P  P     . A   A 1 28 ? 2.194   0.565   -11.924 1.00 34.27 ? 28  A   A P     1 
ATOM   466 O  OP1   . A   A 1 28 ? 2.555   1.200   -13.219 1.00 30.23 ? 28  A   A OP1   1 
ATOM   467 O  OP2   . A   A 1 28 ? 3.177   0.551   -10.813 1.00 32.66 ? 28  A   A OP2   1 
ATOM   468 O  "O5'" . A   A 1 28 ? 0.869   1.252   -11.355 1.00 32.28 ? 28  A   A "O5'" 1 
ATOM   469 C  "C5'" . A   A 1 28 ? -0.158  1.716   -12.221 1.00 30.07 ? 28  A   A "C5'" 1 
ATOM   470 C  "C4'" . A   A 1 28 ? -1.222  2.461   -11.438 1.00 38.30 ? 28  A   A "C4'" 1 
ATOM   471 O  "O4'" . A   A 1 28 ? -1.835  1.566   -10.471 1.00 32.60 ? 28  A   A "O4'" 1 
ATOM   472 C  "C3'" . A   A 1 28 ? -0.739  3.649   -10.614 1.00 41.91 ? 28  A   A "C3'" 1 
ATOM   473 O  "O3'" . A   A 1 28 ? -0.702  4.824   -11.421 1.00 48.38 ? 28  A   A "O3'" 1 
ATOM   474 C  "C2'" . A   A 1 28 ? -1.807  3.745   -9.529  1.00 36.29 ? 28  A   A "C2'" 1 
ATOM   475 O  "O2'" . A   A 1 28 ? -2.989  4.369   -9.978  1.00 33.97 ? 28  A   A "O2'" 1 
ATOM   476 C  "C1'" . A   A 1 28 ? -2.104  2.269   -9.265  1.00 37.63 ? 28  A   A "C1'" 1 
ATOM   477 N  N9    . A   A 1 28 ? -1.284  1.686   -8.200  1.00 32.89 ? 28  A   A N9    1 
ATOM   478 C  C8    . A   A 1 28 ? -0.082  1.038   -8.335  1.00 28.75 ? 28  A   A C8    1 
ATOM   479 N  N7    . A   A 1 28 ? 0.402   0.583   -7.205  1.00 30.53 ? 28  A   A N7    1 
ATOM   480 C  C5    . A   A 1 28 ? -0.539  0.965   -6.259  1.00 23.32 ? 28  A   A C5    1 
ATOM   481 C  C6    . A   A 1 28 ? -0.613  0.779   -4.864  1.00 23.48 ? 28  A   A C6    1 
ATOM   482 N  N6    . A   A 1 28 ? 0.311   0.129   -4.152  1.00 21.49 ? 28  A   A N6    1 
ATOM   483 N  N1    . A   A 1 28 ? -1.681  1.291   -4.220  1.00 22.90 ? 28  A   A N1    1 
ATOM   484 C  C2    . A   A 1 28 ? -2.606  1.943   -4.932  1.00 17.69 ? 28  A   A C2    1 
ATOM   485 N  N3    . A   A 1 28 ? -2.651  2.178   -6.240  1.00 27.63 ? 28  A   A N3    1 
ATOM   486 C  C4    . A   A 1 28 ? -1.577  1.656   -6.855  1.00 23.85 ? 28  A   A C4    1 
ATOM   487 P  P     . A   A 1 29 ? 0.047   6.143   -10.887 1.00 42.35 ? 29  A   A P     1 
ATOM   488 O  OP1   . A   A 1 29 ? 0.187   7.059   -12.047 1.00 56.55 ? 29  A   A OP1   1 
ATOM   489 O  OP2   . A   A 1 29 ? 1.253   5.729   -10.131 1.00 44.28 ? 29  A   A OP2   1 
ATOM   490 O  "O5'" . A   A 1 29 ? -0.996  6.797   -9.877  1.00 44.49 ? 29  A   A "O5'" 1 
ATOM   491 C  "C5'" . A   A 1 29 ? -2.273  7.201   -10.343 1.00 39.68 ? 29  A   A "C5'" 1 
ATOM   492 C  "C4'" . A   A 1 29 ? -2.868  8.260   -9.446  1.00 43.47 ? 29  A   A "C4'" 1 
ATOM   493 O  "O4'" . A   A 1 29 ? -3.362  7.642   -8.225  1.00 42.96 ? 29  A   A "O4'" 1 
ATOM   494 C  "C3'" . A   A 1 29 ? -1.834  9.291   -9.000  1.00 40.00 ? 29  A   A "C3'" 1 
ATOM   495 O  "O3'" . A   A 1 29 ? -2.026  10.629  -9.479  1.00 47.23 ? 29  A   A "O3'" 1 
ATOM   496 C  "C2'" . A   A 1 29 ? -1.400  8.892   -7.587  1.00 44.25 ? 29  A   A "C2'" 1 
ATOM   497 O  "O2'" . A   A 1 29 ? -1.248  9.944   -6.661  1.00 52.74 ? 29  A   A "O2'" 1 
ATOM   498 C  "C1'" . A   A 1 29 ? -2.603  8.078   -7.119  1.00 43.36 ? 29  A   A "C1'" 1 
ATOM   499 N  N9    . A   A 1 29 ? -2.363  6.977   -6.190  1.00 39.89 ? 29  A   A N9    1 
ATOM   500 C  C8    . A   A 1 29 ? -1.247  6.196   -6.034  1.00 32.56 ? 29  A   A C8    1 
ATOM   501 N  N7    . A   A 1 29 ? -1.328  5.360   -5.029  1.00 36.73 ? 29  A   A N7    1 
ATOM   502 C  C5    . A   A 1 29 ? -2.592  5.588   -4.503  1.00 28.13 ? 29  A   A C5    1 
ATOM   503 C  C6    . A   A 1 29 ? -3.286  5.022   -3.415  1.00 31.73 ? 29  A   A C6    1 
ATOM   504 N  N6    . A   A 1 29 ? -2.778  4.078   -2.621  1.00 24.54 ? 29  A   A N6    1 
ATOM   505 N  N1    . A   A 1 29 ? -4.536  5.473   -3.163  1.00 33.10 ? 29  A   A N1    1 
ATOM   506 C  C2    . A   A 1 29 ? -5.041  6.429   -3.951  1.00 30.72 ? 29  A   A C2    1 
ATOM   507 N  N3    . A   A 1 29 ? -4.485  7.041   -4.996  1.00 35.58 ? 29  A   A N3    1 
ATOM   508 C  C4    . A   A 1 29 ? -3.247  6.568   -5.221  1.00 28.53 ? 29  A   A C4    1 
ATOM   509 P  P     . A   A 1 30 ? -1.577  11.899  -8.597  1.00 45.16 ? 30  A   A P     1 
ATOM   510 O  OP1   . A   A 1 30 ? -1.877  13.094  -9.422  1.00 53.77 ? 30  A   A OP1   1 
ATOM   511 O  OP2   . A   A 1 30 ? -0.197  11.689  -8.088  1.00 56.33 ? 30  A   A OP2   1 
ATOM   512 O  "O5'" . A   A 1 30 ? -2.595  11.890  -7.373  1.00 39.74 ? 30  A   A "O5'" 1 
ATOM   513 C  "C5'" . A   A 1 30 ? -2.253  12.462  -6.115  1.00 35.98 ? 30  A   A "C5'" 1 
ATOM   514 C  "C4'" . A   A 1 30 ? -3.325  12.139  -5.100  1.00 34.76 ? 30  A   A "C4'" 1 
ATOM   515 O  "O4'" . A   A 1 30 ? -3.501  10.697  -5.021  1.00 32.45 ? 30  A   A "O4'" 1 
ATOM   516 C  "C3'" . A   A 1 30 ? -3.035  12.536  -3.666  1.00 35.74 ? 30  A   A "C3'" 1 
ATOM   517 O  "O3'" . A   A 1 30 ? -3.322  13.911  -3.432  1.00 33.74 ? 30  A   A "O3'" 1 
ATOM   518 C  "C2'" . A   A 1 30 ? -3.986  11.632  -2.891  1.00 36.90 ? 30  A   A "C2'" 1 
ATOM   519 O  "O2'" . A   A 1 30 ? -5.313  12.121  -2.881  1.00 35.80 ? 30  A   A "O2'" 1 
ATOM   520 C  "C1'" . A   A 1 30 ? -3.920  10.342  -3.713  1.00 36.49 ? 30  A   A "C1'" 1 
ATOM   521 N  N9    . A   A 1 30 ? -2.991  9.353   -3.165  1.00 35.81 ? 30  A   A N9    1 
ATOM   522 C  C8    . A   A 1 30 ? -1.742  9.006   -3.616  1.00 34.43 ? 30  A   A C8    1 
ATOM   523 N  N7    . A   A 1 30 ? -1.158  8.077   -2.893  1.00 38.02 ? 30  A   A N7    1 
ATOM   524 C  C5    . A   A 1 30 ? -2.085  7.795   -1.898  1.00 34.81 ? 30  A   A C5    1 
ATOM   525 C  C6    . A   A 1 30 ? -2.070  6.901   -0.804  1.00 34.43 ? 30  A   A C6    1 
ATOM   526 N  N6    . A   A 1 30 ? -1.049  6.087   -0.514  1.00 20.20 ? 30  A   A N6    1 
ATOM   527 N  N1    . A   A 1 30 ? -3.160  6.873   -0.004  1.00 37.82 ? 30  A   A N1    1 
ATOM   528 C  C2    . A   A 1 30 ? -4.184  7.686   -0.288  1.00 32.06 ? 30  A   A C2    1 
ATOM   529 N  N3    . A   A 1 30 ? -4.317  8.562   -1.277  1.00 32.41 ? 30  A   A N3    1 
ATOM   530 C  C4    . A   A 1 30 ? -3.220  8.572   -2.055  1.00 37.39 ? 30  A   A C4    1 
ATOM   531 P  P     . C   A 1 31 ? -2.646  14.658  -2.179  1.00 36.27 ? 31  C   A P     1 
ATOM   532 O  OP1   . C   A 1 31 ? -3.190  16.040  -2.095  1.00 39.66 ? 31  C   A OP1   1 
ATOM   533 O  OP2   . C   A 1 31 ? -1.179  14.451  -2.276  1.00 32.85 ? 31  C   A OP2   1 
ATOM   534 O  "O5'" . C   A 1 31 ? -3.160  13.829  -0.921  1.00 40.11 ? 31  C   A "O5'" 1 
ATOM   535 C  "C5'" . C   A 1 31 ? -4.528  13.856  -0.535  1.00 34.83 ? 31  C   A "C5'" 1 
ATOM   536 C  "C4'" . C   A 1 31 ? -4.734  13.019  0.704   1.00 34.97 ? 31  C   A "C4'" 1 
ATOM   537 O  "O4'" . C   A 1 31 ? -4.508  11.616  0.396   1.00 33.48 ? 31  C   A "O4'" 1 
ATOM   538 C  "C3'" . C   A 1 31 ? -3.777  13.287  1.853   1.00 32.00 ? 31  C   A "C3'" 1 
ATOM   539 O  "O3'" . C   A 1 31 ? -4.149  14.436  2.605   1.00 42.80 ? 31  C   A "O3'" 1 
ATOM   540 C  "C2'" . C   A 1 31 ? -3.904  12.002  2.658   1.00 32.40 ? 31  C   A "C2'" 1 
ATOM   541 O  "O2'" . C   A 1 31 ? -5.102  11.945  3.400   1.00 36.97 ? 31  C   A "O2'" 1 
ATOM   542 C  "C1'" . C   A 1 31 ? -3.980  10.962  1.541   1.00 35.72 ? 31  C   A "C1'" 1 
ATOM   543 N  N1    . C   A 1 31 ? -2.667  10.387  1.198   1.00 32.36 ? 31  C   A N1    1 
ATOM   544 C  C2    . C   A 1 31 ? -2.190  9.322   1.960   1.00 19.30 ? 31  C   A C2    1 
ATOM   545 O  O2    . C   A 1 31 ? -2.871  8.917   2.913   1.00 35.53 ? 31  C   A O2    1 
ATOM   546 N  N3    . C   A 1 31 ? -1.003  8.757   1.646   1.00 27.40 ? 31  C   A N3    1 
ATOM   547 C  C4    . C   A 1 31 ? -0.296  9.224   0.614   1.00 25.33 ? 31  C   A C4    1 
ATOM   548 N  N4    . C   A 1 31 ? 0.858   8.621   0.331   1.00 25.09 ? 31  C   A N4    1 
ATOM   549 C  C5    . C   A 1 31 ? -0.747  10.326  -0.174  1.00 27.58 ? 31  C   A C5    1 
ATOM   550 C  C6    . C   A 1 31 ? -1.929  10.874  0.152   1.00 33.09 ? 31  C   A C6    1 
ATOM   551 P  P     . U   A 1 32 ? -3.004  15.387  3.221   1.00 41.86 ? 32  U   A P     1 
ATOM   552 O  OP1   . U   A 1 32 ? -3.616  16.665  3.663   1.00 49.13 ? 32  U   A OP1   1 
ATOM   553 O  OP2   . U   A 1 32 ? -1.887  15.407  2.244   1.00 46.54 ? 32  U   A OP2   1 
ATOM   554 O  "O5'" . U   A 1 32 ? -2.508  14.607  4.516   1.00 39.78 ? 32  U   A "O5'" 1 
ATOM   555 C  "C5'" . U   A 1 32 ? -3.356  14.459  5.647   1.00 36.67 ? 32  U   A "C5'" 1 
ATOM   556 C  "C4'" . U   A 1 32 ? -2.740  13.493  6.628   1.00 43.06 ? 32  U   A "C4'" 1 
ATOM   557 O  "O4'" . U   A 1 32 ? -2.616  12.192  5.990   1.00 42.01 ? 32  U   A "O4'" 1 
ATOM   558 C  "C3'" . U   A 1 32 ? -1.322  13.835  7.057   1.00 43.13 ? 32  U   A "C3'" 1 
ATOM   559 O  "O3'" . U   A 1 32 ? -1.306  14.774  8.130   1.00 31.66 ? 32  U   A "O3'" 1 
ATOM   560 C  "C2'" . U   A 1 32 ? -0.777  12.472  7.467   1.00 38.63 ? 32  U   A "C2'" 1 
ATOM   561 O  "O2'" . U   A 1 32 ? -1.210  12.064  8.746   1.00 41.71 ? 32  U   A "O2'" 1 
ATOM   562 C  "C1'" . U   A 1 32 ? -1.411  11.568  6.410   1.00 43.53 ? 32  U   A "C1'" 1 
ATOM   563 N  N1    . U   A 1 32 ? -0.549  11.382  5.232   1.00 38.37 ? 32  U   A N1    1 
ATOM   564 C  C2    . U   A 1 32 ? 0.484   10.468  5.332   1.00 37.24 ? 32  U   A C2    1 
ATOM   565 O  O2    . U   A 1 32 ? 0.699   9.821   6.342   1.00 27.81 ? 32  U   A O2    1 
ATOM   566 N  N3    . U   A 1 32 ? 1.257   10.340  4.205   1.00 31.73 ? 32  U   A N3    1 
ATOM   567 C  C4    . U   A 1 32 ? 1.104   11.017  3.014   1.00 28.95 ? 32  U   A C4    1 
ATOM   568 O  O4    . U   A 1 32 ? 1.874   10.786  2.085   1.00 30.84 ? 32  U   A O4    1 
ATOM   569 C  C5    . U   A 1 32 ? 0.014   11.944  2.990   1.00 26.94 ? 32  U   A C5    1 
ATOM   570 C  C6    . U   A 1 32 ? -0.755  12.091  4.073   1.00 34.31 ? 32  U   A C6    1 
ATOM   571 P  P     . A   A 1 33 ? 0.003   15.662  8.383   1.00 39.74 ? 33  A   A P     1 
ATOM   572 O  OP1   . A   A 1 33 ? -0.287  16.646  9.453   1.00 43.73 ? 33  A   A OP1   1 
ATOM   573 O  OP2   . A   A 1 33 ? 0.471   16.139  7.054   1.00 36.49 ? 33  A   A OP2   1 
ATOM   574 O  "O5'" . A   A 1 33 ? 1.069   14.619  8.938   1.00 33.80 ? 33  A   A "O5'" 1 
ATOM   575 C  "C5'" . A   A 1 33 ? 0.932   14.049  10.237  1.00 36.62 ? 33  A   A "C5'" 1 
ATOM   576 C  "C4'" . A   A 1 33 ? 2.099   13.139  10.523  1.00 33.47 ? 33  A   A "C4'" 1 
ATOM   577 O  "O4'" . A   A 1 33 ? 2.097   12.074  9.540   1.00 37.26 ? 33  A   A "O4'" 1 
ATOM   578 C  "C3'" . A   A 1 33 ? 3.467   13.792  10.381  1.00 38.37 ? 33  A   A "C3'" 1 
ATOM   579 O  "O3'" . A   A 1 33 ? 3.861   14.376  11.616  1.00 36.37 ? 33  A   A "O3'" 1 
ATOM   580 C  "C2'" . A   A 1 33 ? 4.361   12.615  10.018  1.00 35.85 ? 33  A   A "C2'" 1 
ATOM   581 O  "O2'" . A   A 1 33 ? 4.733   11.849  11.142  1.00 38.83 ? 33  A   A "O2'" 1 
ATOM   582 C  "C1'" . A   A 1 33 ? 3.423   11.774  9.157   1.00 33.32 ? 33  A   A "C1'" 1 
ATOM   583 N  N9    . A   A 1 33 ? 3.538   11.972  7.712   1.00 31.91 ? 33  A   A N9    1 
ATOM   584 C  C8    . A   A 1 33 ? 2.725   12.714  6.890   1.00 28.06 ? 33  A   A C8    1 
ATOM   585 N  N7    . A   A 1 33 ? 3.039   12.630  5.622   1.00 24.87 ? 33  A   A N7    1 
ATOM   586 C  C5    . A   A 1 33 ? 4.144   11.787  5.607   1.00 27.29 ? 33  A   A C5    1 
ATOM   587 C  C6    . A   A 1 33 ? 4.946   11.288  4.558   1.00 28.80 ? 33  A   A C6    1 
ATOM   588 N  N6    . A   A 1 33 ? 4.749   11.576  3.266   1.00 19.99 ? 33  A   A N6    1 
ATOM   589 N  N1    . A   A 1 33 ? 5.972   10.473  4.889   1.00 27.71 ? 33  A   A N1    1 
ATOM   590 C  C2    . A   A 1 33 ? 6.171   10.187  6.181   1.00 31.40 ? 33  A   A C2    1 
ATOM   591 N  N3    . A   A 1 33 ? 5.488   10.590  7.251   1.00 24.84 ? 33  A   A N3    1 
ATOM   592 C  C4    . A   A 1 33 ? 4.474   11.394  6.890   1.00 27.98 ? 33  A   A C4    1 
ATOM   593 P  P     . A   A 1 34 ? 4.685   15.753  11.621  1.00 35.71 ? 34  A   A P     1 
ATOM   594 O  OP1   . A   A 1 34 ? 4.813   16.198  13.028  1.00 45.18 ? 34  A   A OP1   1 
ATOM   595 O  OP2   . A   A 1 34 ? 4.048   16.650  10.625  1.00 36.22 ? 34  A   A OP2   1 
ATOM   596 O  "O5'" . A   A 1 34 ? 6.136   15.347  11.098  1.00 40.45 ? 34  A   A "O5'" 1 
ATOM   597 C  "C5'" . A   A 1 34 ? 7.087   14.735  11.967  1.00 36.50 ? 34  A   A "C5'" 1 
ATOM   598 C  "C4'" . A   A 1 34 ? 8.271   14.231  11.176  1.00 39.33 ? 34  A   A "C4'" 1 
ATOM   599 O  "O4'" . A   A 1 34 ? 7.807   13.269  10.193  1.00 35.96 ? 34  A   A "O4'" 1 
ATOM   600 C  "C3'" . A   A 1 34 ? 9.011   15.275  10.351  1.00 44.14 ? 34  A   A "C3'" 1 
ATOM   601 O  "O3'" . A   A 1 34 ? 9.927   16.092  11.104  1.00 42.56 ? 34  A   A "O3'" 1 
ATOM   602 C  "C2'" . A   A 1 34 ? 9.668   14.424  9.274   1.00 42.39 ? 34  A   A "C2'" 1 
ATOM   603 O  "O2'" . A   A 1 34 ? 10.836  13.765  9.719   1.00 48.79 ? 34  A   A "O2'" 1 
ATOM   604 C  "C1'" . A   A 1 34 ? 8.571   13.393  9.004   1.00 34.81 ? 34  A   A "C1'" 1 
ATOM   605 N  N9    . A   A 1 34 ? 7.672   13.810  7.933   1.00 26.44 ? 34  A   A N9    1 
ATOM   606 C  C8    . A   A 1 34 ? 6.558   14.604  8.039   1.00 22.73 ? 34  A   A C8    1 
ATOM   607 N  N7    . A   A 1 34 ? 5.949   14.815  6.899   1.00 25.85 ? 34  A   A N7    1 
ATOM   608 C  C5    . A   A 1 34 ? 6.712   14.112  5.980   1.00 22.31 ? 34  A   A C5    1 
ATOM   609 C  C6    . A   A 1 34 ? 6.591   13.934  4.596   1.00 29.03 ? 34  A   A C6    1 
ATOM   610 N  N6    . A   A 1 34 ? 5.614   14.473  3.868   1.00 21.18 ? 34  A   A N6    1 
ATOM   611 N  N1    . A   A 1 34 ? 7.520   13.170  3.977   1.00 23.56 ? 34  A   A N1    1 
ATOM   612 C  C2    . A   A 1 34 ? 8.495   12.627  4.715   1.00 17.80 ? 34  A   A C2    1 
ATOM   613 N  N3    . A   A 1 34 ? 8.714   12.721  6.021   1.00 21.71 ? 34  A   A N3    1 
ATOM   614 C  C4    . A   A 1 34 ? 7.776   13.488  6.603   1.00 24.48 ? 34  A   A C4    1 
HETATM 615 N  N1    . PRF B 2 .  ? -1.832  4.094   3.991   1.00 21.07 ? 301 PRF A N1    1 
HETATM 616 C  C2    . PRF B 2 .  ? -2.047  4.593   2.726   1.00 18.80 ? 301 PRF A C2    1 
HETATM 617 N  N3    . PRF B 2 .  ? -1.342  4.160   1.682   1.00 22.14 ? 301 PRF A N3    1 
HETATM 618 C  C4    . PRF B 2 .  ? -0.374  3.209   1.816   1.00 19.86 ? 301 PRF A C4    1 
HETATM 619 C  C5    . PRF B 2 .  ? -0.105  2.664   3.097   1.00 23.68 ? 301 PRF A C5    1 
HETATM 620 C  C6    . PRF B 2 .  ? -0.874  3.133   4.213   1.00 25.78 ? 301 PRF A C6    1 
HETATM 621 O  O6    . PRF B 2 .  ? -0.683  2.694   5.339   1.00 29.31 ? 301 PRF A O6    1 
HETATM 622 C  C7    . PRF B 2 .  ? 0.976   1.693   2.912   1.00 23.12 ? 301 PRF A C7    1 
HETATM 623 C  C10   . PRF B 2 .  ? 1.625   0.848   3.982   1.00 21.07 ? 301 PRF A C10   1 
HETATM 624 N  N11   . PRF B 2 .  ? 0.743   -0.261  4.350   1.00 25.22 ? 301 PRF A N11   1 
HETATM 625 C  C8    . PRF B 2 .  ? 1.276   1.701   1.603   1.00 22.14 ? 301 PRF A C8    1 
HETATM 626 N  N9    . PRF B 2 .  ? 0.473   2.605   0.940   1.00 23.67 ? 301 PRF A N9    1 
HETATM 627 N  N2    . PRF B 2 .  ? -3.006  5.553   2.535   1.00 19.44 ? 301 PRF A N2    1 
HETATM 628 CA CA    . CA  C 3 .  ? 10.384  11.933  -6.980  1.00 25.70 ? 201 CA  A CA    1 
HETATM 629 CA CA    . CA  D 3 .  ? 4.338   -3.248  4.110   1.00 26.89 ? 203 CA  A CA    1 
HETATM 630 CA CA    . CA  E 3 .  ? 7.466   4.429   -1.397  1.00 24.45 ? 204 CA  A CA    1 
HETATM 631 CA CA    . CA  F 3 .  ? 13.102  12.853  4.524   0.50 25.93 ? 205 CA  A CA    1 
HETATM 632 O  O     . HOH G 4 .  ? 11.735  11.632  6.127   1.00 18.39 ? 102 HOH A O     1 
HETATM 633 O  O     . HOH G 4 .  ? 10.916  13.422  2.906   0.50 27.37 ? 103 HOH A O     1 
HETATM 634 O  O     . HOH G 4 .  ? 12.162  15.096  5.880   1.00 27.82 ? 104 HOH A O     1 
HETATM 635 O  O     . HOH G 4 .  ? 14.117  14.297  6.989   1.00 30.22 ? 105 HOH A O     1 
HETATM 636 O  O     . HOH G 4 .  ? 15.219  12.264  6.083   0.50 35.05 ? 106 HOH A O     1 
HETATM 637 O  O     . HOH G 4 .  ? 10.158  13.958  -5.371  1.00 36.48 ? 108 HOH A O     1 
HETATM 638 O  O     . HOH G 4 .  ? 11.350  9.615   -7.675  1.00 16.55 ? 109 HOH A O     1 
HETATM 639 O  O     . HOH G 4 .  ? 7.870   3.914   1.031   1.00 22.95 ? 110 HOH A O     1 
HETATM 640 O  O     . HOH G 4 .  ? 8.616   2.338   -1.616  1.00 19.18 ? 111 HOH A O     1 
HETATM 641 O  O     . HOH G 4 .  ? 5.840   6.301   0.243   1.00 17.54 ? 112 HOH A O     1 
HETATM 642 O  O     . HOH G 4 .  ? 5.502   2.940   -1.314  1.00 22.02 ? 113 HOH A O     1 
HETATM 643 O  O     . HOH G 4 .  ? 2.632   -0.804  -7.396  1.00 23.24 ? 114 HOH A O     1 
HETATM 644 O  O     . HOH G 4 .  ? 0.058   -4.120  -4.058  1.00 16.34 ? 115 HOH A O     1 
HETATM 645 O  O     . HOH G 4 .  ? 5.648   0.089   -11.030 1.00 50.40 ? 116 HOH A O     1 
HETATM 646 O  O     . HOH G 4 .  ? -1.869  7.333   7.910   1.00 39.69 ? 117 HOH A O     1 
HETATM 647 O  O     . HOH G 4 .  ? 7.190   9.762   9.486   1.00 45.46 ? 118 HOH A O     1 
HETATM 648 O  O     . HOH G 4 .  ? -1.973  -5.833  5.843   1.00 25.75 ? 119 HOH A O     1 
HETATM 649 O  O     . HOH G 4 .  ? 4.110   0.405   1.326   1.00 16.97 ? 121 HOH A O     1 
HETATM 650 O  O     . HOH G 4 .  ? 4.775   -0.802  3.437   1.00 29.87 ? 122 HOH A O     1 
HETATM 651 O  O     . HOH G 4 .  ? 5.334   2.804   2.421   1.00 35.85 ? 123 HOH A O     1 
HETATM 652 O  O     . HOH G 4 .  ? 7.810   -0.119  3.149   1.00 16.15 ? 124 HOH A O     1 
HETATM 653 O  O     . HOH G 4 .  ? 8.135   2.539   9.914   1.00 26.03 ? 125 HOH A O     1 
HETATM 654 O  O     . HOH G 4 .  ? 10.748  2.922   -3.754  1.00 34.34 ? 126 HOH A O     1 
HETATM 655 O  O     . HOH G 4 .  ? 9.700   0.554   -3.457  1.00 42.85 ? 127 HOH A O     1 
HETATM 656 O  O     . HOH G 4 .  ? 6.998   6.725   -2.358  1.00 28.77 ? 129 HOH A O     1 
HETATM 657 O  O     . HOH G 4 .  ? 5.904   9.054   -1.686  1.00 32.76 ? 130 HOH A O     1 
HETATM 658 O  O     . HOH G 4 .  ? 5.469   12.309  -3.186  1.00 25.35 ? 131 HOH A O     1 
HETATM 659 O  O     . HOH G 4 .  ? 2.915   9.317   -2.358  1.00 34.78 ? 132 HOH A O     1 
HETATM 660 O  O     . HOH G 4 .  ? 4.933   -1.778  -9.216  1.00 57.40 ? 133 HOH A O     1 
HETATM 661 O  O     . HOH G 4 .  ? 1.839   -2.911  3.874   1.00 28.21 ? 134 HOH A O     1 
HETATM 662 O  O     . HOH G 4 .  ? 2.322   -4.787  5.227   1.00 16.33 ? 135 HOH A O     1 
HETATM 663 O  O     . HOH G 4 .  ? 7.324   -3.534  4.958   1.00 33.01 ? 136 HOH A O     1 
HETATM 664 O  O     . HOH G 4 .  ? 4.201   -2.095  6.434   1.00 25.95 ? 137 HOH A O     1 
HETATM 665 O  O     . HOH G 4 .  ? -9.318  1.295   2.824   1.00 28.76 ? 138 HOH A O     1 
HETATM 666 O  O     . HOH G 4 .  ? -8.706  6.309   -3.891  1.00 51.52 ? 139 HOH A O     1 
HETATM 667 O  O     . HOH G 4 .  ? 1.565   6.255   -7.605  1.00 39.74 ? 140 HOH A O     1 
HETATM 668 O  O     . HOH G 4 .  ? 1.680   10.004  -9.898  1.00 43.92 ? 141 HOH A O     1 
HETATM 669 O  O     . HOH G 4 .  ? -0.077  14.534  -11.074 1.00 61.17 ? 142 HOH A O     1 
HETATM 670 O  O     . HOH G 4 .  ? -4.479  -8.027  7.083   1.00 45.16 ? 146 HOH A O     1 
HETATM 671 O  O     . HOH G 4 .  ? -10.671 -5.204  -1.050  1.00 25.29 ? 147 HOH A O     1 
HETATM 672 O  O     . HOH G 4 .  ? -9.988  -11.274 -4.835  1.00 39.43 ? 148 HOH A O     1 
HETATM 673 O  O     . HOH G 4 .  ? -6.167  -17.287 -7.660  1.00 39.74 ? 149 HOH A O     1 
HETATM 674 O  O     . HOH G 4 .  ? 6.692   -9.052  4.781   1.00 42.82 ? 151 HOH A O     1 
HETATM 675 O  O     . HOH G 4 .  ? 5.117   -5.551  5.652   1.00 41.36 ? 152 HOH A O     1 
HETATM 676 O  O     . HOH G 4 .  ? 4.178   19.028  9.184   1.00 40.18 ? 153 HOH A O     1 
HETATM 677 O  O     . HOH G 4 .  ? 9.381   10.114  -9.162  1.00 42.27 ? 155 HOH A O     1 
HETATM 678 O  O     . HOH G 4 .  ? -8.022  -15.220 6.432   1.00 25.66 ? 156 HOH A O     1 
HETATM 679 O  O     . HOH G 4 .  ? 2.072   -11.747 9.939   1.00 40.69 ? 157 HOH A O     1 
HETATM 680 O  O     . HOH G 4 .  ? 2.251   -11.929 12.606  1.00 38.25 ? 158 HOH A O     1 
HETATM 681 O  O     . HOH G 4 .  ? -11.700 0.262   -7.287  1.00 43.60 ? 159 HOH A O     1 
HETATM 682 O  O     . HOH G 4 .  ? 1.996   -6.395  9.858   1.00 43.45 ? 160 HOH A O     1 
HETATM 683 O  O     . HOH G 4 .  ? -0.652  -7.865  6.919   1.00 38.28 ? 161 HOH A O     1 
HETATM 684 O  O     . HOH G 4 .  ? -11.165 4.650   -4.493  1.00 59.48 ? 162 HOH A O     1 
HETATM 685 O  O     . HOH G 4 .  ? 3.941   16.700  7.310   1.00 35.53 ? 163 HOH A O     1 
HETATM 686 O  O     . HOH G 4 .  ? 12.544  -0.211  -0.700  1.00 40.21 ? 164 HOH A O     1 
HETATM 687 O  O     . HOH G 4 .  ? 10.724  1.477   -0.064  1.00 41.29 ? 165 HOH A O     1 
HETATM 688 O  O     . HOH G 4 .  ? 8.039   -3.156  0.533   1.00 26.11 ? 166 HOH A O     1 
HETATM 689 O  O     . HOH G 4 .  ? -12.459 2.570   -6.057  0.50 54.30 ? 167 HOH A O     1 
HETATM 690 O  O     . HOH G 4 .  ? -1.961  15.777  -9.412  1.00 42.58 ? 168 HOH A O     1 
HETATM 691 O  O     . HOH G 4 .  ? 0.625   8.643   8.690   1.00 35.21 ? 169 HOH A O     1 
HETATM 692 O  O     . HOH G 4 .  ? -11.927 -3.354  -6.712  1.00 45.28 ? 170 HOH A O     1 
HETATM 693 O  O     . HOH G 4 .  ? 0.355   17.518  3.749   1.00 47.21 ? 202 HOH A O     1 
# 
